data_6J0T
#
_entry.id   6J0T
#
_cell.length_a   172.650
_cell.length_b   172.650
_cell.length_c   172.650
_cell.angle_alpha   90.00
_cell.angle_beta   90.00
_cell.angle_gamma   90.00
#
_symmetry.space_group_name_H-M   'I 41 2 2'
#
loop_
_entity.id
_entity.type
_entity.pdbx_description
1 polymer Inulinase
2 branched 2-acetamido-2-deoxy-beta-D-glucopyranose-(1-4)-2-acetamido-2-deoxy-beta-D-glucopyranose
3 non-polymer 'MAGNESIUM ION'
4 water water
#
_entity_poly.entity_id   1
_entity_poly.type   'polypeptide(L)'
_entity_poly.pdbx_seq_one_letter_code
;MKLAYSLLLPLAGVSASVINYKRDGDSKAITNTTFSLNRPSVHFTPSHGWMNDPNGLWYDAKEEDWHLYYQYNPAATIWG
TPLYWGHAVSKDLTSWTDYGASLGPGSDDAGAFSGSMVIDYNNTSGFFNSSVDPRQRAVAVWTLSKGPSQAQHISYSLDG
GYTFQHYSDNAVLDINSSNFRDPKVFWHEGENGEDGRWIMAVAESQVFSVLFYSSPNLKNWTLESNFTHHGWTGTQYECP
GLVKVPYDSVADSSSNSSDSKPDSAWVLFVSINPGGPLGGSVTQYFVGDFNGTHFTPIDDQTRFLDMGKDYYALQTFFNT
PNEKDVYGIAWASNWQYAQQAPTDPWRSSMSLVRQFTLKDFSTNPNSADVVLNSQPVLNYDALRKNGTTYSITNYTVTSE
NGKKIKLDNPSGSLEFHLEYVFNGSPDIKSNVFADLSLYFKGNNDDNEYLRLGYETNGGAFFLDRGHTKIPFVKENLFFN
HQLAVTNPVSNYTTNVFDVYGVIDKNIIELYFDNGNVVSTNTFFFSTNNVIGEIDIKSPYDKAYTINSFNVTQFNV
;
_entity_poly.pdbx_strand_id   A,B
#
loop_
_chem_comp.id
_chem_comp.type
_chem_comp.name
_chem_comp.formula
MG non-polymer 'MAGNESIUM ION' 'Mg 2'
NAG D-saccharide, beta linking 2-acetamido-2-deoxy-beta-D-glucopyranose 'C8 H15 N O6'
#
# COMPACT_ATOMS: atom_id res chain seq x y z
N THR A 33 -26.61 -15.98 10.10
CA THR A 33 -25.54 -16.77 9.48
C THR A 33 -25.52 -16.62 7.92
N THR A 34 -26.10 -15.53 7.41
CA THR A 34 -25.84 -15.10 6.03
C THR A 34 -25.56 -13.60 6.00
N PHE A 35 -26.39 -12.83 6.69
CA PHE A 35 -26.10 -11.45 7.01
C PHE A 35 -25.53 -11.33 8.42
N SER A 36 -24.88 -10.19 8.68
CA SER A 36 -24.24 -9.90 9.96
C SER A 36 -25.01 -8.76 10.63
N LEU A 37 -26.16 -9.09 11.21
CA LEU A 37 -27.10 -8.07 11.66
C LEU A 37 -26.75 -7.50 13.02
N ASN A 38 -25.46 -7.40 13.32
CA ASN A 38 -25.00 -6.72 14.52
C ASN A 38 -24.63 -5.29 14.16
N ARG A 39 -25.22 -4.34 14.83
CA ARG A 39 -25.05 -2.94 14.47
C ARG A 39 -24.21 -2.20 15.49
N PRO A 40 -23.18 -1.46 15.05
CA PRO A 40 -22.35 -0.70 15.99
C PRO A 40 -23.16 0.10 17.00
N SER A 41 -22.54 0.37 18.16
CA SER A 41 -23.20 1.11 19.22
C SER A 41 -22.53 2.43 19.54
N VAL A 42 -21.27 2.63 19.16
CA VAL A 42 -20.61 3.92 19.34
C VAL A 42 -20.06 4.48 18.03
N HIS A 43 -20.22 3.77 16.92
CA HIS A 43 -20.03 4.36 15.60
C HIS A 43 -21.40 4.69 15.03
N PHE A 44 -21.55 5.90 14.46
CA PHE A 44 -22.83 6.27 13.85
C PHE A 44 -23.10 5.46 12.60
N THR A 45 -24.33 4.95 12.49
CA THR A 45 -24.87 4.32 11.30
C THR A 45 -26.22 4.96 10.98
N PRO A 46 -26.64 4.98 9.71
CA PRO A 46 -28.00 5.41 9.40
C PRO A 46 -29.00 4.39 9.93
N SER A 47 -30.17 4.90 10.33
CA SER A 47 -31.23 4.00 10.74
C SER A 47 -31.54 2.99 9.64
N HIS A 48 -31.61 3.45 8.40
CA HIS A 48 -31.79 2.60 7.24
C HIS A 48 -31.20 3.37 6.05
N GLY A 49 -31.00 2.65 4.96
CA GLY A 49 -30.51 3.26 3.71
C GLY A 49 -29.04 3.06 3.50
N TRP A 50 -28.51 3.73 2.49
CA TRP A 50 -27.07 3.66 2.17
C TRP A 50 -26.42 4.95 2.65
N MET A 51 -25.34 4.84 3.42
CA MET A 51 -24.59 6.01 3.93
C MET A 51 -23.22 5.97 3.30
N ASN A 52 -22.71 7.08 2.78
CA ASN A 52 -21.38 6.95 2.14
C ASN A 52 -20.34 8.03 2.38
N ASP A 53 -20.56 9.17 3.01
CA ASP A 53 -19.44 10.12 3.14
C ASP A 53 -19.83 11.15 4.18
N PRO A 54 -18.93 11.56 5.07
CA PRO A 54 -19.23 12.61 6.02
C PRO A 54 -19.38 13.94 5.31
N ASN A 55 -20.34 14.76 5.70
CA ASN A 55 -20.62 16.04 5.04
C ASN A 55 -21.02 17.09 6.07
N GLY A 56 -20.89 18.34 5.69
CA GLY A 56 -21.35 19.47 6.50
C GLY A 56 -21.00 19.51 7.97
N LEU A 57 -19.89 18.89 8.37
CA LEU A 57 -19.53 18.78 9.78
C LEU A 57 -19.43 20.15 10.42
N TRP A 58 -20.21 20.38 11.47
CA TRP A 58 -20.03 21.64 12.19
C TRP A 58 -20.52 21.48 13.62
N TYR A 59 -20.23 22.50 14.43
CA TYR A 59 -20.53 22.48 15.84
C TYR A 59 -21.33 23.72 16.22
N ASP A 60 -22.52 23.50 16.79
CA ASP A 60 -23.43 24.56 17.16
C ASP A 60 -23.20 24.84 18.64
N ALA A 61 -22.59 25.99 18.92
CA ALA A 61 -22.10 26.28 20.27
C ALA A 61 -23.18 26.78 21.21
N LYS A 62 -24.27 27.32 20.67
CA LYS A 62 -25.39 27.77 21.51
C LYS A 62 -26.20 26.59 22.04
N GLU A 63 -26.48 25.59 21.18
CA GLU A 63 -27.17 24.37 21.57
C GLU A 63 -26.23 23.29 22.08
N GLU A 64 -24.92 23.52 21.96
CA GLU A 64 -23.87 22.53 22.25
C GLU A 64 -24.13 21.20 21.56
N ASP A 65 -24.43 21.27 20.25
CA ASP A 65 -24.78 20.12 19.42
C ASP A 65 -23.74 19.93 18.31
N TRP A 66 -23.29 18.68 18.09
CA TRP A 66 -22.42 18.32 16.97
C TRP A 66 -23.28 17.83 15.81
N HIS A 67 -23.06 18.40 14.62
CA HIS A 67 -23.81 18.08 13.43
C HIS A 67 -22.95 17.31 12.45
N LEU A 68 -23.46 16.16 12.05
CA LEU A 68 -22.84 15.25 11.09
C LEU A 68 -23.84 14.97 9.99
N TYR A 69 -23.53 15.39 8.77
CA TYR A 69 -24.31 15.02 7.61
C TYR A 69 -23.56 13.95 6.86
N TYR A 70 -24.27 13.28 5.97
CA TYR A 70 -23.63 12.17 5.27
C TYR A 70 -24.32 12.01 3.93
N GLN A 71 -23.60 11.46 2.95
CA GLN A 71 -24.27 11.13 1.70
C GLN A 71 -25.16 9.92 1.94
N TYR A 72 -26.40 10.01 1.45
CA TYR A 72 -27.47 9.13 1.89
C TYR A 72 -28.38 8.82 0.71
N ASN A 73 -28.60 7.53 0.50
CA ASN A 73 -29.67 7.05 -0.37
C ASN A 73 -30.73 6.43 0.53
N PRO A 74 -31.81 7.14 0.87
CA PRO A 74 -32.80 6.57 1.79
C PRO A 74 -33.57 5.42 1.18
N ALA A 75 -33.63 5.32 -0.15
CA ALA A 75 -34.47 4.35 -0.81
C ALA A 75 -33.93 2.92 -0.74
N ALA A 76 -32.63 2.74 -0.49
CA ALA A 76 -32.05 1.40 -0.56
C ALA A 76 -30.70 1.39 0.18
N THR A 77 -30.07 0.22 0.18
CA THR A 77 -28.76 0.05 0.81
C THR A 77 -27.69 -0.19 -0.26
N ILE A 78 -27.74 0.63 -1.31
CA ILE A 78 -26.68 0.78 -2.30
C ILE A 78 -26.80 2.19 -2.84
N TRP A 79 -25.69 2.73 -3.34
CA TRP A 79 -25.66 4.11 -3.85
C TRP A 79 -26.70 4.31 -4.97
N GLY A 80 -27.42 5.44 -4.92
CA GLY A 80 -28.40 5.73 -5.95
C GLY A 80 -28.95 7.16 -5.89
N THR A 81 -29.59 7.56 -6.97
CA THR A 81 -30.22 8.86 -7.00
C THR A 81 -31.72 8.76 -6.75
N PRO A 82 -32.35 9.81 -6.22
CA PRO A 82 -31.72 11.06 -5.79
C PRO A 82 -30.88 10.85 -4.52
N LEU A 83 -29.74 11.53 -4.39
CA LEU A 83 -28.86 11.38 -3.24
C LEU A 83 -28.97 12.61 -2.36
N TYR A 84 -29.20 12.42 -1.06
CA TYR A 84 -29.33 13.55 -0.17
C TYR A 84 -28.17 13.59 0.81
N TRP A 85 -28.17 14.68 1.59
CA TRP A 85 -27.40 14.71 2.84
C TRP A 85 -28.30 14.24 3.99
N GLY A 86 -28.09 13.01 4.47
CA GLY A 86 -28.62 12.66 5.77
C GLY A 86 -28.02 13.54 6.87
N HIS A 87 -28.72 13.63 8.01
CA HIS A 87 -28.35 14.57 9.06
C HIS A 87 -28.56 13.96 10.45
N ALA A 88 -27.53 14.05 11.30
CA ALA A 88 -27.54 13.45 12.62
C ALA A 88 -26.83 14.38 13.59
N VAL A 89 -27.24 14.30 14.86
CA VAL A 89 -26.78 15.23 15.89
C VAL A 89 -26.36 14.46 17.13
N SER A 90 -25.35 14.98 17.82
CA SER A 90 -24.82 14.31 18.99
C SER A 90 -24.40 15.35 20.02
N LYS A 91 -24.62 15.04 21.30
CA LYS A 91 -24.09 15.89 22.36
C LYS A 91 -22.63 15.58 22.63
N ASP A 92 -22.19 14.35 22.29
CA ASP A 92 -20.95 13.81 22.81
C ASP A 92 -20.19 12.94 21.80
N LEU A 93 -20.51 13.05 20.51
CA LEU A 93 -19.80 12.31 19.46
C LEU A 93 -19.83 10.79 19.70
N THR A 94 -20.58 10.35 20.71
CA THR A 94 -20.77 8.94 20.97
C THR A 94 -22.17 8.47 20.66
N SER A 95 -23.18 9.29 20.96
CA SER A 95 -24.59 8.95 20.79
C SER A 95 -25.19 9.83 19.73
N TRP A 96 -25.88 9.22 18.77
CA TRP A 96 -26.35 9.94 17.60
C TRP A 96 -27.86 9.86 17.46
N THR A 97 -28.44 10.98 17.07
CA THR A 97 -29.84 11.08 16.68
C THR A 97 -29.86 11.32 15.17
N ASP A 98 -30.34 10.33 14.40
CA ASP A 98 -30.36 10.37 12.94
C ASP A 98 -31.69 10.87 12.42
N TYR A 99 -31.73 12.11 11.94
CA TYR A 99 -32.99 12.70 11.44
C TYR A 99 -33.23 12.36 9.97
N GLY A 100 -32.34 11.63 9.31
CA GLY A 100 -32.59 11.27 7.92
C GLY A 100 -32.28 12.40 6.95
N ALA A 101 -32.84 12.33 5.75
CA ALA A 101 -32.58 13.30 4.66
C ALA A 101 -32.93 14.72 5.03
N SER A 102 -32.05 15.65 4.67
CA SER A 102 -32.25 17.09 4.91
C SER A 102 -31.94 17.91 3.67
N LEU A 103 -30.73 17.84 3.16
CA LEU A 103 -30.36 18.67 2.00
C LEU A 103 -30.53 17.84 0.74
N GLY A 104 -31.21 18.38 -0.25
CA GLY A 104 -31.50 17.59 -1.46
C GLY A 104 -31.10 18.24 -2.75
N PRO A 105 -30.95 17.43 -3.81
CA PRO A 105 -30.57 17.90 -5.13
C PRO A 105 -31.62 18.75 -5.86
N GLY A 106 -32.88 18.36 -5.75
CA GLY A 106 -33.97 19.08 -6.43
C GLY A 106 -34.65 18.30 -7.53
N SER A 107 -34.15 17.13 -7.89
CA SER A 107 -34.80 16.26 -8.91
C SER A 107 -34.32 14.83 -8.73
N ASP A 108 -35.07 13.83 -9.18
CA ASP A 108 -34.64 12.45 -9.06
C ASP A 108 -33.35 12.14 -9.81
N ASP A 109 -33.00 12.94 -10.82
CA ASP A 109 -31.83 12.65 -11.63
C ASP A 109 -30.51 12.94 -10.91
N ALA A 110 -30.54 13.78 -9.87
CA ALA A 110 -29.37 14.49 -9.43
C ALA A 110 -28.86 13.99 -8.09
N GLY A 111 -27.70 14.49 -7.73
CA GLY A 111 -27.16 14.19 -6.42
C GLY A 111 -26.74 15.42 -5.65
N ALA A 112 -27.11 15.47 -4.37
CA ALA A 112 -26.45 16.39 -3.43
C ALA A 112 -25.14 15.72 -3.00
N PHE A 113 -24.17 15.71 -3.92
CA PHE A 113 -22.86 15.13 -3.69
C PHE A 113 -22.13 15.87 -2.57
N SER A 114 -20.91 15.46 -2.24
CA SER A 114 -20.32 15.88 -0.98
C SER A 114 -20.07 17.39 -0.91
N GLY A 115 -19.77 17.83 0.31
CA GLY A 115 -19.59 19.24 0.60
C GLY A 115 -19.49 19.47 2.09
N SER A 116 -19.40 20.75 2.45
CA SER A 116 -19.04 21.16 3.80
C SER A 116 -20.01 22.20 4.34
N MET A 117 -19.83 22.55 5.61
CA MET A 117 -20.60 23.58 6.27
C MET A 117 -19.66 24.67 6.75
N VAL A 118 -20.17 25.91 6.85
CA VAL A 118 -19.45 27.04 7.40
C VAL A 118 -20.41 27.87 8.26
N ILE A 119 -19.84 28.60 9.22
CA ILE A 119 -20.60 29.53 10.06
C ILE A 119 -20.20 30.95 9.64
N ASP A 120 -21.15 31.65 9.02
CA ASP A 120 -20.97 32.99 8.48
C ASP A 120 -21.28 34.00 9.59
N TYR A 121 -20.35 34.09 10.56
CA TYR A 121 -20.59 34.93 11.75
C TYR A 121 -20.88 36.39 11.36
N ASN A 122 -20.11 36.93 10.42
CA ASN A 122 -20.23 38.33 10.02
C ASN A 122 -21.28 38.54 8.93
N ASN A 123 -21.98 37.48 8.51
CA ASN A 123 -23.07 37.58 7.52
C ASN A 123 -22.54 38.06 6.17
N THR A 124 -21.47 37.42 5.69
CA THR A 124 -20.90 37.85 4.42
C THR A 124 -21.82 37.48 3.26
N SER A 125 -22.39 36.28 3.32
CA SER A 125 -23.41 35.91 2.36
C SER A 125 -24.52 36.95 2.32
N GLY A 126 -24.86 37.53 3.46
CA GLY A 126 -26.00 38.39 3.54
C GLY A 126 -27.31 37.65 3.60
N PHE A 127 -27.30 36.40 4.06
CA PHE A 127 -28.52 35.60 4.14
C PHE A 127 -29.26 35.78 5.45
N PHE A 128 -28.68 36.48 6.42
CA PHE A 128 -29.02 36.31 7.82
C PHE A 128 -29.42 37.63 8.46
N ASN A 129 -30.72 37.87 8.64
CA ASN A 129 -31.11 39.05 9.42
C ASN A 129 -30.73 38.84 10.89
N SER A 130 -30.86 39.92 11.68
CA SER A 130 -30.37 39.93 13.05
C SER A 130 -30.96 38.80 13.90
N SER A 131 -32.04 38.17 13.45
CA SER A 131 -32.76 37.20 14.25
C SER A 131 -32.11 35.83 14.26
N VAL A 132 -31.07 35.61 13.46
CA VAL A 132 -30.35 34.35 13.46
C VAL A 132 -29.08 34.54 14.27
N ASP A 133 -28.98 33.84 15.39
CA ASP A 133 -27.79 33.86 16.22
C ASP A 133 -26.54 33.69 15.34
N PRO A 134 -25.55 34.56 15.47
CA PRO A 134 -24.32 34.40 14.66
C PRO A 134 -23.72 33.00 14.71
N ARG A 135 -23.79 32.32 15.87
CA ARG A 135 -23.25 30.98 16.07
C ARG A 135 -23.99 29.90 15.31
N GLN A 136 -25.14 30.22 14.69
CA GLN A 136 -25.93 29.23 13.97
C GLN A 136 -26.12 29.58 12.51
N ARG A 137 -25.52 30.66 12.01
CA ARG A 137 -25.64 30.97 10.59
C ARG A 137 -24.93 29.93 9.71
N ALA A 138 -25.49 28.72 9.64
CA ALA A 138 -24.90 27.62 8.88
C ALA A 138 -25.18 27.80 7.40
N VAL A 139 -24.12 27.87 6.59
CA VAL A 139 -24.20 27.89 5.13
C VAL A 139 -23.53 26.60 4.66
N ALA A 140 -24.13 25.92 3.70
CA ALA A 140 -23.61 24.65 3.20
C ALA A 140 -23.13 24.84 1.78
N VAL A 141 -21.89 24.43 1.51
CA VAL A 141 -21.28 24.51 0.18
C VAL A 141 -21.16 23.10 -0.36
N TRP A 142 -21.82 22.81 -1.49
CA TRP A 142 -22.01 21.41 -1.86
C TRP A 142 -22.04 21.21 -3.36
N THR A 143 -21.70 19.99 -3.79
CA THR A 143 -21.67 19.66 -5.21
C THR A 143 -23.02 19.13 -5.70
N LEU A 144 -23.60 19.80 -6.68
CA LEU A 144 -24.69 19.22 -7.46
C LEU A 144 -24.09 18.41 -8.61
N SER A 145 -24.46 17.14 -8.66
CA SER A 145 -24.17 16.26 -9.80
C SER A 145 -25.49 15.97 -10.51
N LYS A 146 -25.59 16.40 -11.77
CA LYS A 146 -26.77 16.15 -12.58
C LYS A 146 -26.32 15.91 -14.01
N GLY A 147 -26.70 14.77 -14.58
CA GLY A 147 -26.17 14.40 -15.87
C GLY A 147 -24.66 14.47 -15.86
N PRO A 148 -24.08 15.16 -16.85
CA PRO A 148 -22.61 15.30 -16.91
C PRO A 148 -22.04 16.52 -16.22
N SER A 149 -22.80 17.24 -15.40
CA SER A 149 -22.25 18.45 -14.78
C SER A 149 -22.23 18.31 -13.26
N GLN A 150 -21.05 18.52 -12.70
CA GLN A 150 -20.81 18.64 -11.27
C GLN A 150 -20.36 20.06 -11.02
N ALA A 151 -21.16 20.81 -10.25
CA ALA A 151 -20.88 22.21 -9.97
C ALA A 151 -21.29 22.53 -8.54
N GLN A 152 -20.71 23.59 -7.97
CA GLN A 152 -20.89 23.89 -6.56
C GLN A 152 -21.98 24.93 -6.31
N HIS A 153 -22.93 24.59 -5.43
CA HIS A 153 -23.98 25.48 -4.96
C HIS A 153 -23.77 25.82 -3.50
N ILE A 154 -24.53 26.80 -3.03
CA ILE A 154 -24.60 27.09 -1.61
C ILE A 154 -26.06 27.14 -1.17
N SER A 155 -26.30 26.72 0.06
CA SER A 155 -27.63 26.67 0.66
C SER A 155 -27.48 27.00 2.13
N TYR A 156 -28.18 28.03 2.60
CA TYR A 156 -28.12 28.42 4.00
C TYR A 156 -29.28 27.81 4.77
N SER A 157 -29.06 27.59 6.06
CA SER A 157 -30.10 27.14 6.97
C SER A 157 -30.48 28.27 7.91
N LEU A 158 -31.78 28.43 8.16
CA LEU A 158 -32.28 29.46 9.08
C LEU A 158 -32.94 28.87 10.31
N ASP A 159 -32.68 27.58 10.60
CA ASP A 159 -33.25 26.84 11.72
C ASP A 159 -32.20 26.00 12.45
N GLY A 160 -30.93 26.42 12.36
CA GLY A 160 -29.85 25.72 13.04
C GLY A 160 -29.36 24.48 12.32
N GLY A 161 -29.52 24.42 11.00
CA GLY A 161 -28.97 23.32 10.23
C GLY A 161 -29.87 22.13 10.12
N TYR A 162 -31.19 22.33 10.15
CA TYR A 162 -32.11 21.21 10.01
C TYR A 162 -32.78 21.17 8.65
N THR A 163 -33.16 22.31 8.10
CA THR A 163 -33.57 22.47 6.70
C THR A 163 -32.63 23.44 6.01
N PHE A 164 -32.76 23.55 4.69
CA PHE A 164 -31.88 24.42 3.93
C PHE A 164 -32.63 25.10 2.80
N GLN A 165 -32.22 26.34 2.50
CA GLN A 165 -32.78 27.08 1.39
C GLN A 165 -31.67 27.36 0.39
N HIS A 166 -31.91 26.99 -0.88
CA HIS A 166 -30.94 27.19 -1.95
C HIS A 166 -30.77 28.69 -2.25
N TYR A 167 -29.52 29.13 -2.47
CA TYR A 167 -29.22 30.55 -2.57
C TYR A 167 -30.01 31.17 -3.71
N SER A 168 -29.68 30.85 -4.96
CA SER A 168 -30.36 31.52 -6.06
C SER A 168 -30.97 30.43 -6.95
N ASP A 169 -31.17 30.76 -8.25
CA ASP A 169 -31.62 29.77 -9.22
C ASP A 169 -30.50 28.87 -9.72
N ASN A 170 -29.27 29.32 -9.56
CA ASN A 170 -28.15 28.60 -10.21
C ASN A 170 -27.08 28.26 -9.19
N ALA A 171 -25.97 27.76 -9.72
CA ALA A 171 -24.73 27.41 -8.98
C ALA A 171 -23.92 28.67 -8.72
N VAL A 172 -22.92 28.56 -7.87
CA VAL A 172 -22.02 29.73 -7.63
C VAL A 172 -20.69 29.46 -8.32
N LEU A 173 -20.47 28.25 -8.81
CA LEU A 173 -19.19 27.93 -9.44
C LEU A 173 -19.36 26.73 -10.37
N ASP A 174 -19.42 26.93 -11.68
CA ASP A 174 -19.56 25.85 -12.67
C ASP A 174 -18.41 25.98 -13.66
N ILE A 175 -17.63 24.95 -13.89
CA ILE A 175 -16.51 25.08 -14.87
C ILE A 175 -16.72 24.13 -16.05
N ASN A 176 -17.97 23.80 -16.37
CA ASN A 176 -18.28 22.89 -17.50
C ASN A 176 -17.46 21.62 -17.30
N SER A 177 -17.50 21.10 -16.09
CA SER A 177 -16.73 19.90 -15.76
C SER A 177 -17.66 18.79 -15.29
N SER A 178 -17.33 17.56 -15.65
CA SER A 178 -18.05 16.41 -15.16
C SER A 178 -17.52 15.90 -13.83
N ASN A 179 -16.25 16.16 -13.54
CA ASN A 179 -15.57 15.74 -12.31
C ASN A 179 -15.07 16.98 -11.59
N PHE A 180 -15.91 17.48 -10.68
CA PHE A 180 -15.68 18.78 -10.04
C PHE A 180 -16.51 18.79 -8.75
N ARG A 181 -15.93 18.29 -7.66
CA ARG A 181 -16.73 17.92 -6.49
C ARG A 181 -15.97 18.19 -5.21
N ASP A 182 -16.71 18.10 -4.10
CA ASP A 182 -16.25 17.95 -2.73
C ASP A 182 -15.66 19.24 -2.18
N PRO A 183 -16.38 20.35 -2.27
CA PRO A 183 -15.84 21.62 -1.73
C PRO A 183 -15.73 21.58 -0.21
N LYS A 184 -14.57 21.99 0.31
CA LYS A 184 -14.34 22.15 1.74
C LYS A 184 -13.83 23.56 1.99
N VAL A 185 -14.59 24.36 2.74
CA VAL A 185 -14.38 25.79 2.81
C VAL A 185 -14.03 26.19 4.23
N PHE A 186 -13.06 27.09 4.37
CA PHE A 186 -12.75 27.70 5.65
C PHE A 186 -12.58 29.21 5.51
N TRP A 187 -12.62 29.87 6.65
CA TRP A 187 -12.36 31.30 6.70
C TRP A 187 -10.87 31.49 6.94
N HIS A 188 -10.22 32.24 6.06
CA HIS A 188 -8.81 32.58 6.20
C HIS A 188 -8.71 34.09 6.41
N GLU A 189 -7.93 34.50 7.41
CA GLU A 189 -7.75 35.95 7.61
C GLU A 189 -6.30 36.41 7.42
N GLY A 196 -9.72 39.43 5.32
CA GLY A 196 -9.93 38.00 5.22
C GLY A 196 -10.96 37.58 4.18
N ARG A 197 -10.86 36.35 3.70
CA ARG A 197 -11.77 35.79 2.71
C ARG A 197 -12.12 34.35 3.07
N TRP A 198 -13.14 33.82 2.37
CA TRP A 198 -13.43 32.40 2.36
C TRP A 198 -12.51 31.74 1.34
N ILE A 199 -11.91 30.61 1.73
CA ILE A 199 -11.13 29.76 0.83
C ILE A 199 -11.87 28.44 0.67
N MET A 200 -12.00 28.01 -0.57
CA MET A 200 -12.61 26.73 -0.91
C MET A 200 -11.52 25.83 -1.49
N ALA A 201 -11.53 24.57 -1.08
CA ALA A 201 -10.74 23.53 -1.73
C ALA A 201 -11.72 22.59 -2.45
N VAL A 202 -11.56 22.41 -3.76
CA VAL A 202 -12.40 21.50 -4.52
C VAL A 202 -11.52 20.51 -5.26
N ALA A 203 -12.07 19.34 -5.54
CA ALA A 203 -11.38 18.36 -6.35
C ALA A 203 -11.83 18.54 -7.79
N GLU A 204 -10.90 18.89 -8.66
CA GLU A 204 -11.00 18.51 -10.07
C GLU A 204 -10.39 17.12 -10.05
N SER A 205 -11.26 16.13 -9.86
CA SER A 205 -10.81 14.80 -9.47
C SER A 205 -9.98 14.14 -10.55
N GLN A 206 -10.45 14.20 -11.79
CA GLN A 206 -9.82 13.39 -12.81
C GLN A 206 -8.45 13.94 -13.22
N VAL A 207 -8.17 15.20 -12.93
CA VAL A 207 -6.86 15.77 -13.21
C VAL A 207 -5.97 15.77 -11.96
N PHE A 208 -6.36 15.02 -10.94
CA PHE A 208 -5.63 14.96 -9.67
C PHE A 208 -5.31 16.37 -9.16
N SER A 209 -6.34 17.21 -9.07
CA SER A 209 -6.12 18.58 -8.66
C SER A 209 -7.04 18.96 -7.51
N VAL A 210 -6.45 19.53 -6.47
CA VAL A 210 -7.20 20.38 -5.57
C VAL A 210 -7.10 21.81 -6.07
N LEU A 211 -8.21 22.31 -6.61
CA LEU A 211 -8.33 23.73 -6.92
C LEU A 211 -8.59 24.49 -5.61
N PHE A 212 -8.01 25.67 -5.49
CA PHE A 212 -8.30 26.59 -4.41
C PHE A 212 -8.95 27.84 -4.99
N TYR A 213 -10.03 28.28 -4.36
CA TYR A 213 -10.79 29.42 -4.84
C TYR A 213 -11.02 30.37 -3.68
N SER A 214 -10.99 31.66 -3.94
CA SER A 214 -11.38 32.56 -2.86
C SER A 214 -12.71 33.23 -3.17
N SER A 215 -13.31 33.76 -2.11
CA SER A 215 -14.54 34.49 -2.26
C SER A 215 -14.71 35.40 -1.08
N PRO A 216 -15.11 36.64 -1.29
CA PRO A 216 -15.49 37.46 -0.13
C PRO A 216 -16.78 36.97 0.52
N ASN A 217 -17.78 36.54 -0.26
CA ASN A 217 -19.17 36.44 0.20
C ASN A 217 -19.78 35.05 0.07
N LEU A 218 -19.00 34.05 -0.31
CA LEU A 218 -19.42 32.69 -0.69
C LEU A 218 -20.16 32.64 -2.02
N LYS A 219 -20.32 33.76 -2.72
CA LYS A 219 -21.03 33.78 -4.01
C LYS A 219 -20.10 33.95 -5.21
N ASN A 220 -19.20 34.94 -5.16
CA ASN A 220 -18.28 35.21 -6.27
C ASN A 220 -16.95 34.54 -5.97
N TRP A 221 -16.65 33.48 -6.69
CA TRP A 221 -15.44 32.71 -6.45
C TRP A 221 -14.44 32.95 -7.56
N THR A 222 -13.17 33.17 -7.20
CA THR A 222 -12.15 33.36 -8.21
C THR A 222 -11.01 32.37 -8.01
N LEU A 223 -10.55 31.76 -9.11
CA LEU A 223 -9.49 30.76 -9.02
C LEU A 223 -8.21 31.38 -8.47
N GLU A 224 -7.49 30.59 -7.67
CA GLU A 224 -6.31 31.09 -6.96
C GLU A 224 -5.06 30.22 -7.05
N SER A 225 -5.18 28.89 -7.12
CA SER A 225 -4.05 27.99 -7.27
C SER A 225 -4.56 26.59 -7.53
N ASN A 226 -3.71 25.76 -8.13
CA ASN A 226 -4.12 24.47 -8.69
C ASN A 226 -3.09 23.43 -8.23
N PHE A 227 -3.33 22.86 -7.06
CA PHE A 227 -2.44 21.85 -6.48
C PHE A 227 -2.66 20.52 -7.18
N THR A 228 -1.59 19.89 -7.68
CA THR A 228 -1.83 18.85 -8.67
C THR A 228 -0.70 17.84 -8.75
N HIS A 229 -1.08 16.55 -8.84
CA HIS A 229 -0.15 15.43 -9.07
C HIS A 229 0.85 15.27 -7.93
N HIS A 230 0.32 15.18 -6.71
CA HIS A 230 1.11 14.98 -5.51
C HIS A 230 0.78 13.65 -4.84
N GLY A 231 1.78 13.09 -4.17
CA GLY A 231 1.54 11.95 -3.30
C GLY A 231 1.17 10.70 -4.05
N TRP A 232 0.23 9.94 -3.47
CA TRP A 232 -0.35 8.76 -4.10
C TRP A 232 -1.58 9.22 -4.87
N THR A 233 -1.51 9.17 -6.19
CA THR A 233 -2.56 9.72 -7.04
C THR A 233 -3.69 8.74 -7.29
N GLY A 234 -3.40 7.44 -7.35
CA GLY A 234 -4.42 6.48 -7.70
C GLY A 234 -5.16 6.87 -8.98
N THR A 235 -6.47 6.72 -8.96
CA THR A 235 -7.30 7.06 -10.11
C THR A 235 -7.91 8.45 -10.04
N GLN A 236 -8.30 8.93 -8.85
CA GLN A 236 -8.86 10.28 -8.74
C GLN A 236 -8.47 10.90 -7.41
N TYR A 237 -8.56 12.23 -7.37
CA TYR A 237 -8.53 12.99 -6.14
C TYR A 237 -9.96 13.20 -5.68
N GLU A 238 -10.25 12.88 -4.42
CA GLU A 238 -11.58 13.12 -3.91
C GLU A 238 -11.49 13.75 -2.52
N CYS A 239 -12.46 14.62 -2.20
CA CYS A 239 -12.69 15.06 -0.82
C CYS A 239 -11.50 15.81 -0.23
N PRO A 240 -11.01 16.88 -0.85
CA PRO A 240 -9.91 17.61 -0.22
C PRO A 240 -10.41 18.37 0.99
N GLY A 241 -9.50 18.64 1.92
CA GLY A 241 -9.78 19.59 2.99
C GLY A 241 -8.51 20.16 3.58
N LEU A 242 -8.36 21.49 3.60
CA LEU A 242 -7.16 22.13 4.14
C LEU A 242 -7.43 22.63 5.56
N VAL A 243 -6.45 22.49 6.44
CA VAL A 243 -6.69 22.65 7.88
C VAL A 243 -5.40 23.12 8.57
N LYS A 244 -5.52 24.00 9.56
CA LYS A 244 -4.37 24.37 10.38
C LYS A 244 -4.42 23.53 11.66
N VAL A 245 -3.32 22.85 11.98
CA VAL A 245 -3.30 21.83 13.04
C VAL A 245 -2.23 22.18 14.07
N PRO A 246 -2.51 21.99 15.36
CA PRO A 246 -1.47 22.18 16.39
C PRO A 246 -0.30 21.24 16.17
N TYR A 247 0.84 21.62 16.77
CA TYR A 247 2.12 20.95 16.56
C TYR A 247 2.85 20.84 17.89
N ASP A 248 2.87 19.64 18.49
CA ASP A 248 3.62 19.37 19.72
C ASP A 248 5.06 18.96 19.37
N SER A 249 5.97 19.93 19.42
CA SER A 249 7.36 19.77 19.02
C SER A 249 8.12 19.01 20.11
N VAL A 250 9.45 18.93 19.98
CA VAL A 250 10.28 18.31 21.03
C VAL A 250 11.49 19.19 21.34
N PRO A 262 7.97 25.68 15.90
CA PRO A 262 6.76 26.49 15.67
C PRO A 262 5.53 25.87 16.34
N ASP A 263 4.37 26.51 16.21
CA ASP A 263 3.18 26.13 16.97
C ASP A 263 2.19 25.30 16.17
N SER A 264 2.03 25.62 14.89
CA SER A 264 1.04 24.97 14.06
C SER A 264 1.64 24.66 12.69
N ALA A 265 0.85 23.95 11.88
CA ALA A 265 1.24 23.58 10.53
C ALA A 265 -0.02 23.38 9.71
N TRP A 266 0.04 23.68 8.41
CA TRP A 266 -1.12 23.36 7.60
C TRP A 266 -1.05 21.92 7.12
N VAL A 267 -2.22 21.30 7.00
CA VAL A 267 -2.38 19.93 6.53
C VAL A 267 -3.45 19.91 5.45
N LEU A 268 -3.13 19.30 4.31
CA LEU A 268 -4.13 19.05 3.27
C LEU A 268 -4.49 17.57 3.32
N PHE A 269 -5.78 17.28 3.50
CA PHE A 269 -6.28 15.92 3.29
C PHE A 269 -6.73 15.75 1.85
N VAL A 270 -6.40 14.58 1.29
CA VAL A 270 -6.81 14.21 -0.06
C VAL A 270 -7.17 12.74 -0.02
N SER A 271 -8.40 12.43 -0.37
CA SER A 271 -8.83 11.05 -0.45
C SER A 271 -8.61 10.50 -1.86
N ILE A 272 -8.42 9.20 -1.95
CA ILE A 272 -8.13 8.55 -3.22
C ILE A 272 -9.12 7.41 -3.40
N ASN A 273 -9.89 7.45 -4.50
CA ASN A 273 -10.62 6.28 -4.96
C ASN A 273 -10.89 6.40 -6.46
N PRO A 274 -10.72 5.32 -7.23
CA PRO A 274 -10.05 4.04 -6.90
C PRO A 274 -8.54 4.20 -6.80
N GLY A 275 -7.82 3.08 -6.74
CA GLY A 275 -6.38 3.08 -6.91
C GLY A 275 -5.54 3.05 -5.64
N GLY A 276 -6.13 2.95 -4.46
CA GLY A 276 -5.38 2.90 -3.22
C GLY A 276 -4.54 1.64 -3.15
N PRO A 277 -3.45 1.68 -2.38
CA PRO A 277 -2.46 0.57 -2.44
C PRO A 277 -2.98 -0.74 -1.90
N LEU A 278 -3.97 -0.77 -1.03
CA LEU A 278 -4.57 -2.05 -0.69
C LEU A 278 -5.68 -2.43 -1.64
N GLY A 279 -6.14 -1.49 -2.46
CA GLY A 279 -7.29 -1.68 -3.31
C GLY A 279 -8.28 -0.58 -2.98
N GLY A 280 -8.85 0.01 -4.00
CA GLY A 280 -9.95 0.92 -3.73
C GLY A 280 -9.50 2.14 -2.96
N SER A 281 -10.28 2.54 -1.97
CA SER A 281 -10.13 3.86 -1.39
C SER A 281 -9.09 3.88 -0.26
N VAL A 282 -8.57 5.08 -0.02
CA VAL A 282 -7.60 5.35 1.04
C VAL A 282 -7.60 6.85 1.23
N THR A 283 -7.08 7.32 2.35
CA THR A 283 -6.96 8.76 2.58
C THR A 283 -5.50 9.07 2.88
N GLN A 284 -4.94 10.01 2.13
CA GLN A 284 -3.60 10.49 2.36
C GLN A 284 -3.65 11.92 2.85
N TYR A 285 -2.52 12.41 3.38
CA TYR A 285 -2.40 13.80 3.78
C TYR A 285 -1.00 14.32 3.47
N PHE A 286 -0.93 15.66 3.35
CA PHE A 286 0.30 16.41 3.16
C PHE A 286 0.48 17.43 4.28
N VAL A 287 1.74 17.62 4.69
CA VAL A 287 2.15 18.58 5.72
C VAL A 287 2.84 19.76 5.04
N GLY A 288 2.42 20.98 5.35
CA GLY A 288 3.05 22.14 4.74
C GLY A 288 2.59 23.50 5.26
N ASP A 289 2.49 24.46 4.35
CA ASP A 289 2.12 25.83 4.68
C ASP A 289 1.22 26.40 3.59
N PHE A 290 0.35 27.34 3.98
CA PHE A 290 -0.62 27.93 3.06
C PHE A 290 -0.45 29.45 3.07
N ASN A 291 -0.05 30.02 1.93
CA ASN A 291 0.35 31.43 1.84
C ASN A 291 -0.82 32.38 1.59
N GLY A 292 -2.06 31.92 1.70
CA GLY A 292 -3.22 32.70 1.27
C GLY A 292 -3.73 32.32 -0.11
N THR A 293 -2.90 31.72 -0.95
CA THR A 293 -3.39 31.28 -2.25
C THR A 293 -2.87 29.88 -2.57
N HIS A 294 -1.66 29.57 -2.13
CA HIS A 294 -0.98 28.34 -2.55
C HIS A 294 -0.66 27.47 -1.35
N PHE A 295 -0.78 26.16 -1.54
CA PHE A 295 -0.35 25.20 -0.53
C PHE A 295 0.97 24.59 -0.93
N THR A 296 1.94 24.64 -0.03
CA THR A 296 3.31 24.23 -0.31
C THR A 296 3.70 23.16 0.68
N PRO A 297 3.88 21.92 0.24
CA PRO A 297 4.24 20.85 1.17
C PRO A 297 5.68 20.96 1.65
N ILE A 298 5.89 20.75 2.96
CA ILE A 298 7.24 20.79 3.52
C ILE A 298 8.17 19.84 2.76
N ASP A 299 7.67 18.67 2.36
CA ASP A 299 8.51 17.61 1.82
C ASP A 299 7.77 16.91 0.69
N ASP A 300 8.37 15.85 0.18
CA ASP A 300 7.80 15.11 -0.94
C ASP A 300 7.36 13.71 -0.51
N GLN A 301 7.03 13.56 0.77
CA GLN A 301 6.66 12.27 1.34
C GLN A 301 5.18 11.96 1.08
N THR A 302 4.86 10.67 1.09
CA THR A 302 3.47 10.21 1.01
C THR A 302 3.07 9.65 2.37
N ARG A 303 1.94 10.13 2.87
CA ARG A 303 1.50 9.80 4.23
C ARG A 303 0.06 9.38 4.19
N PHE A 304 -0.22 8.20 4.73
CA PHE A 304 -1.59 7.74 4.86
C PHE A 304 -2.09 8.06 6.27
N LEU A 305 -3.38 8.41 6.34
CA LEU A 305 -4.00 8.66 7.64
C LEU A 305 -4.26 7.37 8.38
N ASP A 306 -4.57 6.33 7.66
CA ASP A 306 -5.00 5.08 8.24
C ASP A 306 -4.35 3.98 7.43
N MET A 307 -3.90 2.95 8.12
CA MET A 307 -3.23 1.84 7.47
C MET A 307 -4.15 0.67 7.28
N GLY A 308 -5.45 0.86 7.48
CA GLY A 308 -6.42 -0.20 7.28
C GLY A 308 -7.15 0.01 5.96
N LYS A 309 -7.90 -1.01 5.58
CA LYS A 309 -8.62 -0.92 4.32
C LYS A 309 -9.91 -0.12 4.40
N ASP A 310 -10.44 0.16 5.60
CA ASP A 310 -11.79 0.75 5.67
C ASP A 310 -11.78 2.14 6.30
N TYR A 311 -11.12 3.10 5.66
CA TYR A 311 -11.09 4.47 6.16
C TYR A 311 -10.96 5.42 4.98
N TYR A 312 -11.97 6.28 4.78
CA TYR A 312 -12.03 7.06 3.57
C TYR A 312 -12.88 8.31 3.78
N ALA A 313 -12.65 9.30 2.92
CA ALA A 313 -13.47 10.50 2.82
C ALA A 313 -13.52 11.27 4.13
N LEU A 314 -12.40 11.22 4.87
CA LEU A 314 -12.26 12.02 6.07
C LEU A 314 -12.63 13.47 5.84
N GLN A 315 -13.41 14.05 6.75
CA GLN A 315 -13.65 15.49 6.77
C GLN A 315 -13.51 16.01 8.21
N THR A 316 -13.13 17.29 8.35
CA THR A 316 -12.97 17.92 9.66
C THR A 316 -14.10 18.89 9.97
N PHE A 317 -14.47 18.94 11.24
CA PHE A 317 -15.52 19.83 11.70
C PHE A 317 -15.09 21.28 11.47
N PHE A 318 -15.97 22.08 10.89
CA PHE A 318 -15.64 23.47 10.66
C PHE A 318 -15.11 24.12 11.93
N ASN A 319 -15.64 23.72 13.09
CA ASN A 319 -15.30 24.34 14.36
C ASN A 319 -15.44 23.31 15.46
N THR A 320 -14.75 23.54 16.57
CA THR A 320 -14.87 22.72 17.77
C THR A 320 -15.12 23.63 18.95
N PRO A 321 -15.50 23.08 20.12
CA PRO A 321 -15.85 23.95 21.26
C PRO A 321 -14.74 24.90 21.69
N ASN A 322 -13.50 24.46 21.77
CA ASN A 322 -12.44 25.34 22.23
C ASN A 322 -11.79 26.14 21.10
N GLU A 323 -12.17 25.88 19.85
CA GLU A 323 -11.72 26.63 18.66
C GLU A 323 -10.23 26.47 18.37
N LYS A 324 -9.63 25.38 18.82
CA LYS A 324 -8.24 25.10 18.50
C LYS A 324 -8.11 23.65 18.05
N ASP A 325 -8.70 22.72 18.83
CA ASP A 325 -8.62 21.31 18.50
C ASP A 325 -9.15 21.04 17.09
N VAL A 326 -8.52 20.09 16.43
CA VAL A 326 -8.93 19.71 15.08
C VAL A 326 -9.51 18.31 15.18
N TYR A 327 -10.83 18.20 15.02
CA TYR A 327 -11.55 16.93 15.00
C TYR A 327 -11.99 16.61 13.58
N GLY A 328 -12.08 15.33 13.29
CA GLY A 328 -12.56 14.90 11.99
C GLY A 328 -13.00 13.45 12.04
N ILE A 329 -13.90 13.09 11.14
CA ILE A 329 -14.50 11.77 11.08
C ILE A 329 -14.39 11.27 9.65
N ALA A 330 -14.53 9.95 9.49
CA ALA A 330 -14.39 9.31 8.19
C ALA A 330 -15.44 8.22 7.99
N TRP A 331 -15.67 7.88 6.73
CA TRP A 331 -16.58 6.78 6.37
C TRP A 331 -15.81 5.48 6.56
N ALA A 332 -16.34 4.54 7.33
CA ALA A 332 -15.62 3.30 7.68
C ALA A 332 -15.90 2.14 6.74
N SER A 333 -15.58 2.29 5.47
CA SER A 333 -15.69 1.17 4.52
C SER A 333 -14.76 1.42 3.35
N ASN A 334 -14.82 0.56 2.37
CA ASN A 334 -13.98 0.74 1.18
C ASN A 334 -14.87 0.60 -0.03
N TRP A 335 -14.68 1.37 -1.09
CA TRP A 335 -15.54 1.36 -2.29
C TRP A 335 -15.54 0.03 -3.04
N GLN A 336 -14.49 -0.76 -2.91
CA GLN A 336 -14.42 -2.07 -3.58
C GLN A 336 -15.50 -2.99 -3.07
N TYR A 337 -15.83 -2.98 -1.79
CA TYR A 337 -16.88 -3.90 -1.32
C TYR A 337 -17.96 -3.24 -0.46
N ALA A 338 -17.97 -1.93 -0.29
CA ALA A 338 -18.91 -1.27 0.65
C ALA A 338 -20.37 -1.53 0.36
N GLN A 339 -20.76 -1.60 -0.89
CA GLN A 339 -22.20 -1.82 -1.19
C GLN A 339 -22.57 -3.29 -1.08
N GLN A 340 -21.64 -4.21 -0.88
CA GLN A 340 -21.98 -5.63 -0.72
C GLN A 340 -21.82 -6.06 0.73
N ALA A 341 -21.56 -5.13 1.63
CA ALA A 341 -21.35 -5.48 3.04
C ALA A 341 -22.60 -6.17 3.55
N PRO A 342 -22.49 -7.24 4.34
CA PRO A 342 -23.67 -7.96 4.76
C PRO A 342 -24.41 -7.37 5.95
N THR A 343 -24.92 -6.15 5.82
CA THR A 343 -25.70 -5.52 6.91
C THR A 343 -27.04 -5.06 6.37
N ASP A 344 -28.05 -5.03 7.21
CA ASP A 344 -29.40 -4.61 6.78
C ASP A 344 -30.16 -4.12 8.01
N PRO A 345 -30.93 -3.03 7.98
CA PRO A 345 -31.32 -2.37 6.76
C PRO A 345 -30.44 -1.19 6.34
N TRP A 346 -29.32 -0.95 7.01
CA TRP A 346 -28.36 0.15 6.72
C TRP A 346 -27.09 -0.42 6.14
N ARG A 347 -26.26 0.38 5.47
CA ARG A 347 -24.98 -0.21 5.01
C ARG A 347 -23.70 0.43 5.55
N SER A 348 -23.36 1.65 5.17
CA SER A 348 -22.01 2.08 5.62
C SER A 348 -21.94 2.43 7.12
N SER A 349 -20.77 2.38 7.72
CA SER A 349 -20.59 2.84 9.12
C SER A 349 -19.61 4.01 9.12
N MET A 350 -19.61 4.81 10.17
CA MET A 350 -18.61 5.90 10.25
C MET A 350 -17.55 5.48 11.28
N SER A 351 -16.34 5.97 11.13
CA SER A 351 -15.35 5.76 12.16
C SER A 351 -15.72 6.55 13.42
N LEU A 352 -14.93 6.36 14.47
CA LEU A 352 -14.93 7.32 15.58
C LEU A 352 -14.45 8.69 15.11
N VAL A 353 -14.87 9.74 15.82
CA VAL A 353 -14.22 11.03 15.66
C VAL A 353 -12.78 10.93 16.16
N ARG A 354 -11.89 11.68 15.51
CA ARG A 354 -10.48 11.68 15.90
C ARG A 354 -9.97 13.11 16.05
N GLN A 355 -9.06 13.28 16.99
CA GLN A 355 -8.31 14.50 17.19
C GLN A 355 -6.95 14.33 16.54
N PHE A 356 -6.61 15.27 15.65
CA PHE A 356 -5.38 15.23 14.87
C PHE A 356 -4.45 16.30 15.38
N THR A 357 -3.25 15.90 15.77
CA THR A 357 -2.23 16.86 16.15
C THR A 357 -0.92 16.43 15.49
N LEU A 358 -0.13 17.40 15.03
CA LEU A 358 1.16 17.05 14.42
C LEU A 358 2.19 16.78 15.48
N LYS A 359 2.91 15.65 15.38
CA LYS A 359 3.95 15.30 16.34
C LYS A 359 5.25 15.01 15.63
N ASP A 360 6.35 15.30 16.32
CA ASP A 360 7.66 14.84 15.87
C ASP A 360 7.73 13.33 16.09
N PHE A 361 7.94 12.58 15.01
CA PHE A 361 7.98 11.14 15.13
C PHE A 361 8.71 10.58 13.90
N SER A 362 9.38 9.46 14.10
CA SER A 362 9.99 8.75 12.99
C SER A 362 9.81 7.26 13.26
N THR A 363 9.96 6.47 12.20
CA THR A 363 9.68 5.04 12.28
C THR A 363 10.84 4.23 12.80
N ASN A 364 11.93 4.88 13.22
CA ASN A 364 13.09 4.22 13.77
C ASN A 364 13.78 5.21 14.68
N PRO A 365 14.67 4.75 15.58
CA PRO A 365 15.24 5.64 16.59
C PRO A 365 16.38 6.52 16.12
N ASN A 366 16.78 6.48 14.85
CA ASN A 366 17.98 7.17 14.40
C ASN A 366 17.70 8.30 13.40
N SER A 367 16.49 8.84 13.38
CA SER A 367 16.13 9.87 12.38
C SER A 367 14.99 10.72 12.93
N ALA A 368 14.61 11.73 12.15
CA ALA A 368 13.63 12.72 12.55
C ALA A 368 12.64 12.96 11.41
N ASP A 369 11.36 12.80 11.72
CA ASP A 369 10.29 13.08 10.77
C ASP A 369 9.13 13.69 11.54
N VAL A 370 7.95 13.67 10.92
CA VAL A 370 6.76 14.37 11.39
C VAL A 370 5.53 13.52 11.02
N VAL A 371 4.52 13.47 11.89
CA VAL A 371 3.36 12.61 11.62
C VAL A 371 2.11 13.15 12.30
N LEU A 372 0.96 12.98 11.64
CA LEU A 372 -0.31 13.36 12.23
C LEU A 372 -0.74 12.28 13.24
N ASN A 373 -0.63 12.61 14.51
CA ASN A 373 -1.15 11.77 15.58
C ASN A 373 -2.67 11.84 15.59
N SER A 374 -3.28 10.71 15.90
CA SER A 374 -4.73 10.59 16.00
C SER A 374 -5.08 10.12 17.41
N GLN A 375 -5.83 10.90 18.10
CA GLN A 375 -6.36 10.46 19.37
C GLN A 375 -7.86 10.24 19.22
N PRO A 376 -8.43 9.16 19.77
CA PRO A 376 -9.87 8.92 19.59
C PRO A 376 -10.73 9.78 20.54
N VAL A 377 -11.78 10.38 19.98
CA VAL A 377 -12.77 11.14 20.75
C VAL A 377 -14.00 10.26 20.99
N LEU A 378 -14.23 9.89 22.24
CA LEU A 378 -15.45 9.26 22.73
C LEU A 378 -15.80 9.85 24.08
N ASN A 379 -16.98 9.50 24.60
CA ASN A 379 -17.37 9.90 25.95
C ASN A 379 -16.91 8.81 26.90
N TYR A 380 -15.63 8.87 27.27
CA TYR A 380 -15.07 7.78 28.06
C TYR A 380 -15.47 7.83 29.54
N ASP A 381 -15.80 9.02 30.07
CA ASP A 381 -16.34 9.09 31.43
C ASP A 381 -17.58 8.21 31.57
N ALA A 382 -18.59 8.44 30.71
CA ALA A 382 -19.85 7.70 30.81
C ALA A 382 -19.66 6.25 30.40
N LEU A 383 -18.83 6.01 29.39
CA LEU A 383 -18.66 4.68 28.84
C LEU A 383 -17.90 3.78 29.80
N ARG A 384 -16.91 4.33 30.51
CA ARG A 384 -16.13 3.53 31.43
C ARG A 384 -16.80 3.42 32.80
N LYS A 385 -17.50 4.45 33.25
CA LYS A 385 -18.34 4.34 34.45
C LYS A 385 -19.35 3.21 34.31
N ASN A 386 -20.14 3.20 33.21
CA ASN A 386 -21.20 2.22 33.07
C ASN A 386 -20.71 0.85 32.63
N GLY A 387 -19.39 0.63 32.55
CA GLY A 387 -18.89 -0.58 31.93
C GLY A 387 -17.98 -1.40 32.81
N THR A 388 -17.70 -2.64 32.42
CA THR A 388 -17.02 -3.56 33.35
C THR A 388 -15.61 -3.89 32.83
N THR A 389 -14.62 -3.73 33.72
CA THR A 389 -13.21 -3.81 33.37
C THR A 389 -12.59 -5.12 33.83
N TYR A 390 -11.72 -5.66 32.99
CA TYR A 390 -10.91 -6.82 33.30
C TYR A 390 -9.47 -6.42 33.02
N SER A 391 -8.51 -7.13 33.61
CA SER A 391 -7.14 -6.68 33.45
C SER A 391 -6.16 -7.77 33.86
N ILE A 392 -4.92 -7.59 33.41
CA ILE A 392 -3.81 -8.53 33.62
C ILE A 392 -2.55 -7.71 33.87
N THR A 393 -1.55 -8.32 34.49
CA THR A 393 -0.33 -7.58 34.79
C THR A 393 0.83 -8.55 34.96
N ASN A 394 2.03 -8.08 34.57
CA ASN A 394 3.28 -8.82 34.71
C ASN A 394 3.08 -10.28 34.34
N TYR A 395 2.43 -10.46 33.20
CA TYR A 395 2.14 -11.83 32.74
C TYR A 395 3.10 -12.28 31.66
N THR A 396 3.86 -13.30 31.98
CA THR A 396 4.81 -13.90 31.04
C THR A 396 4.01 -14.95 30.33
N VAL A 397 3.70 -14.74 29.08
CA VAL A 397 2.85 -15.69 28.33
C VAL A 397 3.57 -17.02 28.24
N THR A 398 2.88 -18.08 28.58
CA THR A 398 3.47 -19.43 28.49
C THR A 398 2.33 -20.41 28.40
N SER A 399 2.55 -21.55 27.78
CA SER A 399 1.49 -22.57 27.62
C SER A 399 1.05 -23.08 28.99
N GLU A 400 2.00 -23.28 29.90
CA GLU A 400 1.61 -23.86 31.21
C GLU A 400 0.63 -22.96 31.92
N ASN A 401 0.97 -21.68 32.05
CA ASN A 401 0.10 -20.69 32.72
C ASN A 401 -0.81 -20.07 31.67
N GLY A 402 -1.75 -20.82 31.12
CA GLY A 402 -2.63 -20.26 30.07
C GLY A 402 -3.49 -19.16 30.66
N LYS A 403 -3.70 -18.06 29.95
CA LYS A 403 -4.59 -17.02 30.53
C LYS A 403 -5.63 -16.61 29.50
N LYS A 404 -6.74 -16.11 29.99
CA LYS A 404 -7.86 -15.69 29.12
C LYS A 404 -8.77 -14.75 29.88
N ILE A 405 -9.65 -14.08 29.16
CA ILE A 405 -10.61 -13.18 29.85
C ILE A 405 -12.01 -13.54 29.39
N LYS A 406 -12.87 -14.01 30.29
CA LYS A 406 -14.27 -14.22 29.93
C LYS A 406 -15.01 -12.94 30.28
N LEU A 407 -15.83 -12.46 29.36
CA LEU A 407 -16.57 -11.22 29.53
C LEU A 407 -17.96 -11.52 30.08
N ASP A 408 -18.27 -10.95 31.24
CA ASP A 408 -19.61 -11.07 31.80
C ASP A 408 -20.60 -10.28 30.94
N ASN A 409 -21.70 -10.94 30.57
CA ASN A 409 -22.82 -10.36 29.81
C ASN A 409 -22.26 -9.59 28.63
N PRO A 410 -21.67 -10.29 27.65
CA PRO A 410 -20.97 -9.62 26.56
C PRO A 410 -21.88 -8.70 25.76
N SER A 411 -21.31 -7.61 25.26
CA SER A 411 -22.04 -6.59 24.52
C SER A 411 -21.54 -6.35 23.10
N GLY A 412 -20.40 -6.92 22.72
CA GLY A 412 -19.80 -6.68 21.42
C GLY A 412 -19.06 -5.37 21.24
N SER A 413 -19.07 -4.48 22.24
CA SER A 413 -18.34 -3.22 22.17
C SER A 413 -17.37 -3.15 23.35
N LEU A 414 -16.08 -3.26 23.06
CA LEU A 414 -15.06 -3.14 24.08
C LEU A 414 -13.94 -2.24 23.61
N GLU A 415 -13.09 -1.86 24.54
CA GLU A 415 -11.83 -1.21 24.26
C GLU A 415 -10.79 -2.02 25.00
N PHE A 416 -9.52 -1.81 24.64
CA PHE A 416 -8.44 -2.43 25.40
C PHE A 416 -7.18 -1.61 25.23
N HIS A 417 -6.35 -1.60 26.27
CA HIS A 417 -4.95 -1.20 26.15
C HIS A 417 -4.11 -2.45 26.38
N LEU A 418 -3.07 -2.61 25.58
CA LEU A 418 -2.18 -3.75 25.66
C LEU A 418 -0.76 -3.21 25.59
N GLU A 419 0.07 -3.69 26.50
CA GLU A 419 1.47 -3.29 26.60
C GLU A 419 2.27 -4.59 26.59
N TYR A 420 3.06 -4.82 25.55
CA TYR A 420 3.83 -6.07 25.55
C TYR A 420 5.28 -5.84 25.15
N VAL A 421 6.07 -6.88 25.41
CA VAL A 421 7.47 -6.89 25.05
C VAL A 421 7.83 -8.29 24.58
N PHE A 422 8.82 -8.35 23.74
CA PHE A 422 9.35 -9.61 23.23
C PHE A 422 10.63 -9.88 24.01
N ASN A 423 10.60 -10.91 24.85
CA ASN A 423 11.80 -11.30 25.58
C ASN A 423 12.78 -12.06 24.72
N GLY A 424 12.32 -12.64 23.62
CA GLY A 424 13.12 -13.61 22.91
C GLY A 424 13.21 -14.94 23.63
N SER A 425 13.52 -15.97 22.85
CA SER A 425 13.76 -17.32 23.31
C SER A 425 14.85 -17.92 22.44
N PRO A 426 15.69 -18.81 22.98
CA PRO A 426 16.66 -19.51 22.12
C PRO A 426 16.01 -20.30 20.99
N ASP A 427 14.77 -20.73 21.15
CA ASP A 427 14.19 -21.62 20.15
C ASP A 427 13.52 -20.88 19.01
N ILE A 428 13.41 -19.56 19.08
CA ILE A 428 12.85 -18.75 18.01
C ILE A 428 13.97 -18.39 17.03
N LYS A 429 13.74 -18.67 15.75
CA LYS A 429 14.59 -18.13 14.71
C LYS A 429 13.73 -17.83 13.48
N SER A 430 14.39 -17.63 12.35
CA SER A 430 13.74 -16.91 11.28
C SER A 430 12.80 -17.77 10.45
N ASN A 431 12.81 -19.10 10.66
CA ASN A 431 11.97 -20.00 9.87
C ASN A 431 10.84 -20.62 10.70
N VAL A 432 10.32 -19.88 11.67
CA VAL A 432 9.13 -20.27 12.41
C VAL A 432 8.26 -19.03 12.57
N PHE A 433 6.94 -19.25 12.65
CA PHE A 433 6.03 -18.17 13.00
C PHE A 433 5.95 -18.09 14.52
N ALA A 434 6.48 -17.01 15.10
CA ALA A 434 6.64 -16.91 16.56
C ALA A 434 5.81 -15.73 17.09
N ASP A 435 4.52 -15.96 17.25
CA ASP A 435 3.54 -14.89 17.44
C ASP A 435 2.99 -14.84 18.86
N LEU A 436 2.71 -13.63 19.30
CA LEU A 436 1.81 -13.36 20.43
C LEU A 436 0.45 -12.99 19.85
N SER A 437 -0.51 -13.91 19.97
CA SER A 437 -1.87 -13.76 19.46
C SER A 437 -2.87 -13.52 20.59
N LEU A 438 -3.80 -12.59 20.37
CA LEU A 438 -5.02 -12.48 21.18
C LEU A 438 -6.20 -12.81 20.29
N TYR A 439 -6.83 -13.96 20.54
CA TYR A 439 -8.07 -14.30 19.86
C TYR A 439 -9.24 -13.65 20.60
N PHE A 440 -9.96 -12.76 19.92
CA PHE A 440 -11.26 -12.25 20.40
C PHE A 440 -12.33 -13.15 19.81
N LYS A 441 -12.81 -14.07 20.66
CA LYS A 441 -13.66 -15.20 20.35
C LYS A 441 -15.07 -14.76 20.69
N GLY A 442 -16.12 -15.47 20.25
CA GLY A 442 -17.39 -14.81 20.60
C GLY A 442 -18.45 -15.79 21.05
N ASN A 443 -19.44 -15.19 21.74
CA ASN A 443 -20.15 -15.87 22.80
C ASN A 443 -20.97 -17.02 22.27
N ASN A 444 -21.61 -16.86 21.13
CA ASN A 444 -22.50 -17.93 20.70
C ASN A 444 -21.82 -18.91 19.76
N ASP A 445 -20.74 -18.50 19.08
CA ASP A 445 -19.99 -19.39 18.19
C ASP A 445 -18.50 -19.04 18.33
N ASP A 446 -17.80 -19.76 19.21
CA ASP A 446 -16.41 -19.40 19.44
C ASP A 446 -15.46 -19.85 18.26
N ASN A 447 -16.01 -20.26 17.12
CA ASN A 447 -15.23 -20.42 15.90
C ASN A 447 -15.17 -19.15 15.08
N GLU A 448 -15.93 -18.14 15.45
CA GLU A 448 -15.82 -16.83 14.84
C GLU A 448 -14.98 -15.96 15.76
N TYR A 449 -13.85 -15.47 15.25
CA TYR A 449 -12.95 -14.70 16.09
C TYR A 449 -12.15 -13.72 15.23
N LEU A 450 -11.81 -12.59 15.84
CA LEU A 450 -10.74 -11.76 15.34
C LEU A 450 -9.46 -12.28 15.97
N ARG A 451 -8.42 -12.48 15.17
CA ARG A 451 -7.13 -12.88 15.71
C ARG A 451 -6.17 -11.71 15.52
N LEU A 452 -5.75 -11.06 16.61
CA LEU A 452 -4.85 -9.94 16.40
C LEU A 452 -3.61 -10.09 17.26
N GLY A 453 -2.48 -9.59 16.77
CA GLY A 453 -1.27 -9.72 17.56
C GLY A 453 0.00 -9.35 16.81
N TYR A 454 1.13 -9.85 17.32
CA TYR A 454 2.45 -9.43 16.86
C TYR A 454 3.33 -10.64 16.61
N GLU A 455 4.22 -10.51 15.62
CA GLU A 455 5.21 -11.55 15.34
C GLU A 455 6.57 -10.90 15.06
N THR A 456 7.62 -11.45 15.70
CA THR A 456 8.98 -10.93 15.56
C THR A 456 9.44 -11.00 14.10
N ASN A 457 9.43 -12.21 13.55
CA ASN A 457 10.12 -12.43 12.29
C ASN A 457 9.53 -11.59 11.16
N GLY A 458 8.28 -11.14 11.29
CA GLY A 458 7.71 -10.18 10.38
C GLY A 458 7.75 -8.78 10.92
N GLY A 459 8.28 -8.62 12.14
CA GLY A 459 8.38 -7.35 12.82
C GLY A 459 7.11 -6.56 12.70
N ALA A 460 5.95 -7.19 12.88
CA ALA A 460 4.73 -6.42 12.65
C ALA A 460 3.55 -6.96 13.44
N PHE A 461 2.49 -6.16 13.45
CA PHE A 461 1.18 -6.50 14.00
C PHE A 461 0.25 -6.97 12.88
N PHE A 462 -0.60 -7.95 13.18
CA PHE A 462 -1.49 -8.57 12.21
C PHE A 462 -2.91 -8.56 12.73
N LEU A 463 -3.86 -8.52 11.78
CA LEU A 463 -5.28 -8.67 12.05
C LEU A 463 -5.79 -9.71 11.10
N ASP A 464 -6.33 -10.80 11.64
CA ASP A 464 -7.00 -11.82 10.84
C ASP A 464 -8.49 -11.63 11.08
N ARG A 465 -9.22 -11.37 9.98
CA ARG A 465 -10.65 -11.10 9.98
C ARG A 465 -11.39 -12.00 8.99
N GLY A 466 -10.84 -13.19 8.71
CA GLY A 466 -11.53 -14.11 7.83
C GLY A 466 -12.29 -15.21 8.55
N HIS A 467 -12.14 -15.33 9.87
CA HIS A 467 -12.70 -16.47 10.60
C HIS A 467 -14.12 -16.12 11.05
N THR A 468 -15.07 -16.36 10.15
CA THR A 468 -16.47 -16.05 10.35
C THR A 468 -17.28 -16.87 9.37
N LYS A 469 -18.52 -17.19 9.75
CA LYS A 469 -19.39 -17.98 8.89
C LYS A 469 -20.10 -17.13 7.85
N ILE A 470 -19.97 -15.81 7.92
CA ILE A 470 -20.64 -14.96 6.94
C ILE A 470 -20.10 -15.26 5.56
N PRO A 471 -20.96 -15.59 4.59
CA PRO A 471 -20.46 -15.82 3.22
C PRO A 471 -19.70 -14.65 2.62
N PHE A 472 -20.14 -13.42 2.84
CA PHE A 472 -19.53 -12.25 2.17
C PHE A 472 -18.02 -12.25 2.31
N VAL A 473 -17.55 -12.44 3.55
CA VAL A 473 -16.13 -12.41 3.87
C VAL A 473 -15.35 -13.47 3.11
N LYS A 474 -16.02 -14.53 2.67
CA LYS A 474 -15.34 -15.57 1.93
C LYS A 474 -15.46 -15.34 0.44
N GLU A 475 -16.56 -14.73 0.03
CA GLU A 475 -16.91 -14.66 -1.39
C GLU A 475 -16.35 -13.42 -2.06
N ASN A 476 -16.29 -12.30 -1.37
CA ASN A 476 -15.76 -11.08 -1.95
C ASN A 476 -14.26 -11.08 -1.78
N LEU A 477 -13.54 -11.09 -2.89
CA LEU A 477 -12.12 -11.35 -2.82
C LEU A 477 -11.31 -10.09 -2.53
N PHE A 478 -11.95 -8.94 -2.38
CA PHE A 478 -11.25 -7.71 -2.00
C PHE A 478 -11.34 -7.40 -0.50
N PHE A 479 -12.20 -8.10 0.22
CA PHE A 479 -12.23 -8.11 1.68
C PHE A 479 -11.08 -8.97 2.20
N ASN A 480 -9.88 -8.38 2.31
CA ASN A 480 -8.70 -9.17 2.64
C ASN A 480 -8.83 -9.75 4.03
N HIS A 481 -8.43 -11.02 4.15
CA HIS A 481 -8.42 -11.67 5.44
C HIS A 481 -7.32 -11.10 6.32
N GLN A 482 -6.13 -10.95 5.74
CA GLN A 482 -4.94 -10.59 6.50
C GLN A 482 -4.60 -9.11 6.28
N LEU A 483 -4.43 -8.39 7.39
CA LEU A 483 -3.97 -7.01 7.34
C LEU A 483 -2.80 -6.85 8.29
N ALA A 484 -1.92 -5.93 7.97
CA ALA A 484 -0.71 -5.78 8.75
C ALA A 484 -0.47 -4.30 9.02
N VAL A 485 0.21 -4.03 10.12
CA VAL A 485 0.66 -2.68 10.41
C VAL A 485 2.05 -2.76 11.05
N THR A 486 2.91 -1.81 10.70
CA THR A 486 4.30 -1.78 11.13
C THR A 486 4.35 -0.84 12.32
N ASN A 487 4.11 -1.39 13.53
CA ASN A 487 3.87 -0.59 14.73
C ASN A 487 5.17 -0.32 15.47
N PRO A 488 5.55 0.93 15.69
CA PRO A 488 6.82 1.19 16.37
C PRO A 488 6.68 0.94 17.87
N VAL A 489 7.82 0.65 18.50
CA VAL A 489 7.87 0.62 19.94
C VAL A 489 7.70 2.03 20.47
N SER A 490 7.42 2.13 21.76
CA SER A 490 7.23 3.43 22.38
C SER A 490 8.52 3.96 22.98
N ASN A 491 9.42 3.06 23.36
CA ASN A 491 10.65 3.44 24.03
C ASN A 491 11.72 2.43 23.61
N TYR A 492 12.77 2.92 22.92
CA TYR A 492 13.73 2.01 22.30
C TYR A 492 14.73 1.42 23.30
N THR A 493 14.82 1.98 24.51
CA THR A 493 15.59 1.27 25.55
C THR A 493 14.77 0.16 26.20
N THR A 494 13.44 0.28 26.27
CA THR A 494 12.63 -0.84 26.76
C THR A 494 12.00 -1.71 25.67
N ASN A 495 11.70 -1.18 24.48
CA ASN A 495 11.04 -1.95 23.41
C ASN A 495 9.66 -2.42 23.83
N VAL A 496 8.93 -1.54 24.49
CA VAL A 496 7.56 -1.77 24.88
C VAL A 496 6.66 -1.31 23.76
N PHE A 497 5.72 -2.17 23.36
CA PHE A 497 4.71 -1.85 22.35
C PHE A 497 3.38 -1.53 23.03
N ASP A 498 2.79 -0.39 22.65
CA ASP A 498 1.47 0.03 23.12
C ASP A 498 0.46 -0.12 21.98
N VAL A 499 -0.57 -0.92 22.22
CA VAL A 499 -1.72 -0.98 21.33
C VAL A 499 -2.95 -0.57 22.11
N TYR A 500 -3.73 0.36 21.57
CA TYR A 500 -5.06 0.66 22.11
C TYR A 500 -6.09 0.38 21.02
N GLY A 501 -7.03 -0.52 21.27
CA GLY A 501 -8.03 -0.85 20.25
C GLY A 501 -9.47 -0.66 20.70
N VAL A 502 -10.36 -0.48 19.75
CA VAL A 502 -11.81 -0.32 20.01
C VAL A 502 -12.50 -1.33 19.13
N ILE A 503 -13.42 -2.10 19.67
CA ILE A 503 -14.22 -3.09 18.90
C ILE A 503 -15.69 -2.74 19.10
N ASP A 504 -16.44 -2.62 18.02
CA ASP A 504 -17.86 -2.26 18.05
C ASP A 504 -18.63 -3.10 17.04
N LYS A 505 -18.88 -4.36 17.32
CA LYS A 505 -19.78 -5.24 16.53
C LYS A 505 -19.26 -5.62 15.14
N ASN A 506 -18.99 -4.68 14.26
CA ASN A 506 -18.51 -5.06 12.91
C ASN A 506 -17.26 -4.28 12.55
N ILE A 507 -16.83 -3.38 13.42
CA ILE A 507 -15.64 -2.55 13.11
C ILE A 507 -14.64 -2.53 14.28
N ILE A 508 -13.35 -2.61 13.96
CA ILE A 508 -12.26 -2.58 14.97
C ILE A 508 -11.27 -1.50 14.54
N GLU A 509 -10.83 -0.64 15.45
CA GLU A 509 -9.81 0.38 15.17
C GLU A 509 -8.64 0.16 16.11
N LEU A 510 -7.43 0.04 15.58
CA LEU A 510 -6.22 -0.22 16.33
C LEU A 510 -5.31 1.01 16.25
N TYR A 511 -5.05 1.63 17.42
CA TYR A 511 -4.19 2.80 17.55
C TYR A 511 -2.89 2.37 18.20
N PHE A 512 -1.81 2.44 17.44
CA PHE A 512 -0.47 2.07 17.87
C PHE A 512 0.33 3.31 18.23
N ASP A 513 1.11 3.17 19.31
CA ASP A 513 2.10 4.16 19.73
C ASP A 513 1.43 5.48 20.07
N ASN A 514 0.38 5.41 20.88
CA ASN A 514 -0.40 6.59 21.30
C ASN A 514 -0.95 7.38 20.12
N GLY A 515 -1.23 6.69 19.01
CA GLY A 515 -1.96 7.29 17.90
C GLY A 515 -1.13 7.75 16.73
N ASN A 516 0.16 7.40 16.70
CA ASN A 516 1.01 7.72 15.56
C ASN A 516 0.73 6.79 14.40
N VAL A 517 0.25 5.58 14.68
CA VAL A 517 -0.17 4.70 13.59
C VAL A 517 -1.55 4.16 13.91
N VAL A 518 -2.43 4.13 12.92
CA VAL A 518 -3.82 3.77 13.14
C VAL A 518 -4.31 2.91 11.99
N SER A 519 -5.08 1.88 12.32
CA SER A 519 -5.60 0.97 11.31
C SER A 519 -7.06 0.66 11.63
N THR A 520 -7.95 0.86 10.65
CA THR A 520 -9.38 0.71 10.85
C THR A 520 -9.92 -0.32 9.87
N ASN A 521 -10.59 -1.35 10.37
CA ASN A 521 -11.11 -2.38 9.48
C ASN A 521 -12.45 -2.86 10.00
N THR A 522 -13.26 -3.41 9.10
CA THR A 522 -14.56 -3.97 9.44
C THR A 522 -14.46 -5.49 9.48
N PHE A 523 -15.14 -6.11 10.44
CA PHE A 523 -15.31 -7.55 10.44
C PHE A 523 -16.80 -7.83 10.52
N PHE A 524 -17.19 -9.07 10.26
CA PHE A 524 -18.59 -9.43 10.32
C PHE A 524 -18.73 -10.82 10.95
N PHE A 525 -19.17 -10.81 12.21
CA PHE A 525 -19.57 -12.04 12.86
C PHE A 525 -20.96 -12.46 12.40
N SER A 526 -21.35 -13.69 12.74
CA SER A 526 -22.75 -14.07 12.59
C SER A 526 -23.64 -13.23 13.50
N THR A 527 -24.90 -13.13 13.10
CA THR A 527 -25.86 -12.32 13.83
C THR A 527 -25.98 -12.78 15.29
N ASN A 528 -25.87 -11.82 16.20
CA ASN A 528 -25.96 -12.02 17.64
C ASN A 528 -24.79 -12.82 18.20
N ASN A 529 -23.80 -13.10 17.36
CA ASN A 529 -22.49 -13.51 17.84
C ASN A 529 -21.69 -12.26 18.19
N VAL A 530 -21.04 -12.32 19.33
CA VAL A 530 -20.47 -11.15 19.98
C VAL A 530 -19.26 -11.61 20.78
N ILE A 531 -18.27 -10.73 20.87
CA ILE A 531 -17.00 -11.08 21.49
C ILE A 531 -17.14 -11.22 23.00
N GLY A 532 -16.95 -12.47 23.47
CA GLY A 532 -17.19 -12.72 24.88
C GLY A 532 -16.02 -13.36 25.60
N GLU A 533 -15.01 -13.80 24.84
CA GLU A 533 -13.81 -14.40 25.38
C GLU A 533 -12.59 -13.87 24.63
N ILE A 534 -11.62 -13.35 25.38
CA ILE A 534 -10.33 -12.93 24.84
C ILE A 534 -9.27 -13.90 25.32
N ASP A 535 -8.60 -14.55 24.38
CA ASP A 535 -7.73 -15.66 24.66
C ASP A 535 -6.31 -15.31 24.22
N ILE A 536 -5.34 -15.51 25.12
CA ILE A 536 -3.94 -15.14 24.90
C ILE A 536 -3.12 -16.40 24.63
N LYS A 537 -2.34 -16.41 23.54
CA LYS A 537 -1.60 -17.61 23.15
C LYS A 537 -0.24 -17.24 22.55
N SER A 538 0.68 -18.23 22.56
CA SER A 538 1.97 -18.14 21.87
C SER A 538 2.66 -19.50 21.87
N PRO A 539 3.10 -19.99 20.70
CA PRO A 539 3.76 -21.30 20.67
C PRO A 539 5.14 -21.31 21.28
N TYR A 540 5.60 -20.18 21.85
CA TYR A 540 6.94 -20.11 22.44
C TYR A 540 6.84 -19.57 23.86
N ASP A 541 7.12 -20.43 24.82
CA ASP A 541 6.89 -20.11 26.22
C ASP A 541 7.89 -19.08 26.70
N LYS A 542 7.38 -18.12 27.47
CA LYS A 542 8.16 -17.03 28.04
C LYS A 542 8.75 -16.15 26.94
N ALA A 543 8.46 -16.47 25.67
CA ALA A 543 8.96 -15.63 24.58
C ALA A 543 8.40 -14.22 24.66
N TYR A 544 7.14 -14.07 25.05
CA TYR A 544 6.57 -12.74 25.20
C TYR A 544 6.17 -12.47 26.64
N THR A 545 6.00 -11.19 26.95
CA THR A 545 5.51 -10.79 28.26
C THR A 545 4.54 -9.62 28.09
N ILE A 546 3.36 -9.76 28.69
CA ILE A 546 2.35 -8.70 28.70
C ILE A 546 2.49 -7.95 30.01
N ASN A 547 3.00 -6.72 29.92
CA ASN A 547 3.07 -5.87 31.11
C ASN A 547 1.67 -5.57 31.60
N SER A 548 0.79 -5.18 30.69
CA SER A 548 -0.50 -4.61 31.03
C SER A 548 -1.48 -5.01 29.93
N PHE A 549 -2.71 -5.33 30.34
CA PHE A 549 -3.77 -5.63 29.39
C PHE A 549 -5.14 -5.39 30.00
N ASN A 550 -5.59 -4.13 29.99
CA ASN A 550 -6.94 -3.77 30.40
C ASN A 550 -7.93 -4.06 29.27
N VAL A 551 -9.07 -4.64 29.61
CA VAL A 551 -10.26 -4.65 28.76
C VAL A 551 -11.35 -3.88 29.51
N THR A 552 -12.23 -3.25 28.77
CA THR A 552 -13.37 -2.56 29.37
C THR A 552 -14.57 -2.74 28.45
N GLN A 553 -15.45 -3.69 28.81
CA GLN A 553 -16.66 -3.88 28.03
C GLN A 553 -17.60 -2.71 28.25
N PHE A 554 -18.16 -2.19 27.15
CA PHE A 554 -19.08 -1.07 27.15
C PHE A 554 -20.50 -1.61 27.24
N ASN A 555 -21.26 -1.13 28.21
CA ASN A 555 -22.60 -1.67 28.43
C ASN A 555 -23.59 -0.72 27.75
N VAL A 556 -24.01 -1.15 26.55
CA VAL A 556 -24.70 -0.38 25.52
C VAL A 556 -25.17 -1.40 24.48
N THR B 33 3.42 -33.23 2.45
CA THR B 33 2.29 -32.30 2.51
C THR B 33 2.75 -30.96 3.15
N THR B 34 3.90 -30.99 3.85
CA THR B 34 4.35 -29.84 4.65
C THR B 34 5.24 -28.86 3.88
N PHE B 35 6.15 -29.38 3.05
CA PHE B 35 7.10 -28.58 2.30
C PHE B 35 6.83 -28.69 0.81
N SER B 36 6.86 -27.56 0.12
CA SER B 36 6.42 -27.46 -1.27
C SER B 36 7.67 -27.51 -2.15
N LEU B 37 8.08 -28.72 -2.56
CA LEU B 37 9.41 -28.89 -3.16
C LEU B 37 9.45 -28.65 -4.66
N ASN B 38 8.55 -27.81 -5.18
CA ASN B 38 8.53 -27.49 -6.60
C ASN B 38 9.46 -26.31 -6.88
N ARG B 39 10.59 -26.56 -7.66
CA ARG B 39 11.60 -25.53 -7.96
C ARG B 39 11.29 -24.81 -9.26
N PRO B 40 11.36 -23.47 -9.29
CA PRO B 40 11.05 -22.73 -10.52
C PRO B 40 12.06 -23.01 -11.63
N SER B 41 11.56 -23.03 -12.87
CA SER B 41 12.32 -23.45 -14.04
C SER B 41 12.83 -22.31 -14.91
N VAL B 42 12.18 -21.16 -14.93
CA VAL B 42 12.70 -20.01 -15.67
C VAL B 42 13.07 -18.86 -14.77
N HIS B 43 12.89 -18.98 -13.45
CA HIS B 43 13.37 -18.03 -12.45
C HIS B 43 14.56 -18.62 -11.71
N PHE B 44 15.56 -17.79 -11.41
CA PHE B 44 16.77 -18.30 -10.79
C PHE B 44 16.58 -18.59 -9.30
N THR B 45 16.99 -19.79 -8.88
CA THR B 45 17.07 -20.18 -7.49
C THR B 45 18.41 -20.86 -7.25
N PRO B 46 19.04 -20.65 -6.09
CA PRO B 46 20.33 -21.31 -5.84
C PRO B 46 20.14 -22.82 -5.70
N SER B 47 21.23 -23.55 -5.88
CA SER B 47 21.17 -25.00 -5.67
C SER B 47 20.66 -25.31 -4.28
N HIS B 48 21.23 -24.65 -3.29
CA HIS B 48 20.83 -24.88 -1.88
C HIS B 48 21.18 -23.65 -1.05
N GLY B 49 20.67 -23.54 0.16
CA GLY B 49 21.00 -22.36 0.96
C GLY B 49 20.02 -21.22 0.82
N TRP B 50 20.33 -20.09 1.43
CA TRP B 50 19.44 -18.93 1.44
C TRP B 50 19.91 -17.89 0.45
N MET B 51 19.00 -17.38 -0.37
CA MET B 51 19.34 -16.35 -1.36
C MET B 51 18.53 -15.11 -1.03
N ASN B 52 19.11 -13.97 -1.33
CA ASN B 52 18.60 -12.65 -0.94
C ASN B 52 18.86 -11.76 -2.15
N ASP B 53 18.82 -10.44 -1.99
CA ASP B 53 18.90 -9.44 -3.07
C ASP B 53 19.89 -9.68 -4.21
N PRO B 54 19.57 -9.27 -5.45
CA PRO B 54 20.46 -9.35 -6.57
C PRO B 54 21.67 -8.42 -6.45
N ASN B 55 22.85 -8.88 -6.85
CA ASN B 55 24.06 -8.05 -6.64
C ASN B 55 25.01 -8.14 -7.84
N GLY B 56 25.76 -7.08 -8.06
CA GLY B 56 26.82 -7.02 -9.08
C GLY B 56 26.38 -7.46 -10.45
N LEU B 57 25.22 -7.03 -10.90
CA LEU B 57 24.76 -7.48 -12.20
C LEU B 57 25.52 -6.79 -13.32
N TRP B 58 26.12 -7.60 -14.20
CA TRP B 58 26.73 -6.98 -15.38
C TRP B 58 26.63 -7.93 -16.57
N TYR B 59 26.99 -7.40 -17.72
CA TYR B 59 26.98 -8.13 -18.98
C TYR B 59 28.39 -8.21 -19.54
N ASP B 60 28.82 -9.44 -19.83
CA ASP B 60 30.09 -9.71 -20.48
C ASP B 60 29.88 -9.75 -21.99
N ALA B 61 30.23 -8.65 -22.68
CA ALA B 61 30.04 -8.58 -24.13
C ALA B 61 31.04 -9.44 -24.90
N LYS B 62 32.21 -9.71 -24.31
CA LYS B 62 33.19 -10.63 -24.91
C LYS B 62 32.60 -12.03 -25.01
N GLU B 63 32.28 -12.62 -23.86
CA GLU B 63 31.74 -13.96 -23.83
C GLU B 63 30.23 -13.99 -24.02
N GLU B 64 29.59 -12.81 -24.01
CA GLU B 64 28.12 -12.66 -24.07
C GLU B 64 27.44 -13.44 -22.94
N ASP B 65 27.91 -13.19 -21.72
CA ASP B 65 27.42 -13.88 -20.53
C ASP B 65 26.80 -12.86 -19.57
N TRP B 66 25.57 -13.10 -19.16
CA TRP B 66 24.94 -12.31 -18.10
C TRP B 66 25.41 -12.82 -16.73
N HIS B 67 25.91 -11.91 -15.90
CA HIS B 67 26.38 -12.24 -14.56
C HIS B 67 25.42 -11.70 -13.52
N LEU B 68 24.97 -12.61 -12.65
CA LEU B 68 24.10 -12.33 -11.52
C LEU B 68 24.80 -12.74 -10.23
N TYR B 69 24.77 -11.87 -9.23
CA TYR B 69 25.25 -12.24 -7.91
C TYR B 69 24.12 -12.04 -6.91
N TYR B 70 24.21 -12.80 -5.82
CA TYR B 70 23.14 -12.77 -4.84
C TYR B 70 23.65 -12.88 -3.42
N GLN B 71 23.01 -12.15 -2.51
CA GLN B 71 23.20 -12.39 -1.09
C GLN B 71 22.94 -13.85 -0.77
N TYR B 72 23.89 -14.50 -0.10
CA TYR B 72 23.90 -15.96 -0.03
C TYR B 72 24.38 -16.48 1.32
N ASN B 73 23.64 -17.41 1.89
CA ASN B 73 24.17 -18.22 2.97
C ASN B 73 24.10 -19.67 2.50
N PRO B 74 25.24 -20.32 2.30
CA PRO B 74 25.23 -21.74 1.90
C PRO B 74 25.08 -22.70 3.05
N ALA B 75 25.25 -22.26 4.29
CA ALA B 75 25.24 -23.17 5.43
C ALA B 75 23.84 -23.44 5.97
N ALA B 76 22.83 -22.71 5.51
CA ALA B 76 21.45 -22.99 5.89
C ALA B 76 20.51 -22.30 4.92
N THR B 77 19.23 -22.60 5.07
CA THR B 77 18.19 -21.98 4.26
C THR B 77 17.59 -20.76 4.95
N ILE B 78 18.33 -20.13 5.87
CA ILE B 78 17.94 -18.89 6.49
C ILE B 78 19.15 -17.96 6.46
N TRP B 79 18.88 -16.66 6.48
CA TRP B 79 19.97 -15.70 6.54
C TRP B 79 20.87 -15.98 7.75
N GLY B 80 22.16 -15.76 7.56
CA GLY B 80 23.13 -15.96 8.62
C GLY B 80 24.50 -15.55 8.16
N THR B 81 25.40 -15.41 9.12
CA THR B 81 26.73 -15.05 8.70
C THR B 81 27.68 -16.23 8.89
N PRO B 82 28.79 -16.30 8.10
CA PRO B 82 29.17 -15.32 7.06
C PRO B 82 28.33 -15.35 5.79
N LEU B 83 27.82 -14.18 5.39
CA LEU B 83 27.10 -14.03 4.13
C LEU B 83 28.08 -13.80 2.99
N TYR B 84 27.88 -14.52 1.89
CA TYR B 84 28.69 -14.38 0.68
C TYR B 84 27.85 -13.76 -0.44
N TRP B 85 28.52 -13.44 -1.55
CA TRP B 85 27.87 -13.24 -2.84
C TRP B 85 27.91 -14.57 -3.61
N GLY B 86 26.77 -15.24 -3.72
CA GLY B 86 26.67 -16.31 -4.69
C GLY B 86 26.74 -15.79 -6.12
N HIS B 87 27.15 -16.67 -7.04
CA HIS B 87 27.39 -16.29 -8.43
C HIS B 87 26.67 -17.22 -9.40
N ALA B 88 25.97 -16.64 -10.37
CA ALA B 88 25.31 -17.39 -11.45
C ALA B 88 25.60 -16.70 -12.78
N VAL B 89 25.63 -17.52 -13.85
CA VAL B 89 25.88 -17.03 -15.22
C VAL B 89 24.81 -17.57 -16.18
N SER B 90 24.43 -16.76 -17.16
CA SER B 90 23.40 -17.17 -18.11
C SER B 90 23.60 -16.56 -19.49
N LYS B 91 23.21 -17.32 -20.52
CA LYS B 91 23.30 -16.83 -21.89
C LYS B 91 22.05 -16.05 -22.29
N ASP B 92 20.88 -16.49 -21.84
CA ASP B 92 19.61 -15.95 -22.30
C ASP B 92 18.76 -15.35 -21.19
N LEU B 93 19.34 -15.11 -20.00
CA LEU B 93 18.57 -14.64 -18.85
C LEU B 93 17.39 -15.58 -18.56
N THR B 94 17.52 -16.86 -18.91
CA THR B 94 16.45 -17.83 -18.72
C THR B 94 16.93 -19.10 -18.04
N SER B 95 18.11 -19.60 -18.39
CA SER B 95 18.71 -20.76 -17.75
C SER B 95 20.02 -20.31 -17.14
N TRP B 96 20.26 -20.70 -15.89
CA TRP B 96 21.39 -20.20 -15.13
C TRP B 96 22.24 -21.35 -14.65
N THR B 97 23.54 -21.13 -14.63
CA THR B 97 24.51 -22.04 -14.03
C THR B 97 24.95 -21.40 -12.71
N ASP B 98 24.76 -22.12 -11.61
CA ASP B 98 25.10 -21.62 -10.27
C ASP B 98 26.52 -22.05 -9.91
N TYR B 99 27.38 -21.09 -9.61
CA TYR B 99 28.81 -21.36 -9.28
C TYR B 99 29.09 -21.25 -7.78
N GLY B 100 28.06 -21.03 -6.97
CA GLY B 100 28.16 -20.93 -5.51
C GLY B 100 28.77 -19.66 -4.96
N ALA B 101 29.59 -19.80 -3.93
CA ALA B 101 30.19 -18.67 -3.22
C ALA B 101 31.37 -18.08 -3.98
N SER B 102 31.33 -16.80 -4.25
CA SER B 102 32.43 -16.11 -4.98
C SER B 102 32.95 -14.95 -4.15
N LEU B 103 32.16 -13.98 -3.77
CA LEU B 103 32.76 -12.86 -2.99
C LEU B 103 32.41 -13.04 -1.52
N GLY B 104 33.41 -13.07 -0.66
CA GLY B 104 33.18 -13.30 0.78
C GLY B 104 33.78 -12.21 1.61
N PRO B 105 33.38 -12.04 2.88
CA PRO B 105 33.84 -10.99 3.75
C PRO B 105 35.21 -11.23 4.39
N GLY B 106 35.70 -12.46 4.35
CA GLY B 106 37.02 -12.70 4.93
C GLY B 106 37.01 -12.99 6.41
N SER B 107 35.85 -13.18 7.04
CA SER B 107 35.78 -13.50 8.48
C SER B 107 34.46 -14.19 8.81
N ASP B 108 34.37 -14.91 9.92
CA ASP B 108 33.14 -15.65 10.23
C ASP B 108 32.01 -14.70 10.61
N ASP B 109 32.23 -13.85 11.61
CA ASP B 109 31.18 -12.98 12.11
C ASP B 109 30.61 -12.08 11.04
N ALA B 110 31.43 -11.70 10.05
CA ALA B 110 31.13 -10.58 9.17
C ALA B 110 30.14 -10.98 8.07
N GLY B 111 29.83 -9.99 7.21
CA GLY B 111 28.92 -10.20 6.12
C GLY B 111 29.28 -9.37 4.91
N ALA B 112 29.11 -9.96 3.71
CA ALA B 112 29.38 -9.29 2.44
C ALA B 112 28.05 -8.86 1.86
N PHE B 113 27.58 -7.68 2.26
CA PHE B 113 26.23 -7.23 1.92
C PHE B 113 26.18 -6.71 0.49
N SER B 114 25.00 -6.22 0.09
CA SER B 114 24.73 -5.85 -1.30
C SER B 114 25.76 -4.87 -1.89
N GLY B 115 25.77 -4.85 -3.22
CA GLY B 115 26.60 -3.95 -3.99
C GLY B 115 26.33 -4.15 -5.46
N SER B 116 27.09 -3.43 -6.27
CA SER B 116 26.91 -3.42 -7.72
C SER B 116 28.25 -3.70 -8.40
N MET B 117 28.21 -3.79 -9.72
CA MET B 117 29.39 -4.11 -10.49
C MET B 117 29.52 -3.09 -11.60
N VAL B 118 30.76 -2.65 -11.83
CA VAL B 118 31.03 -1.73 -12.93
C VAL B 118 32.11 -2.34 -13.80
N ILE B 119 32.04 -2.04 -15.09
CA ILE B 119 33.07 -2.44 -16.05
C ILE B 119 34.00 -1.24 -16.28
N ASP B 120 35.21 -1.30 -15.72
CA ASP B 120 36.14 -0.17 -15.74
C ASP B 120 36.94 -0.18 -17.05
N TYR B 121 36.21 0.05 -18.14
CA TYR B 121 36.77 0.06 -19.49
C TYR B 121 38.17 0.68 -19.55
N ASN B 122 38.28 2.00 -19.33
CA ASN B 122 39.53 2.72 -19.43
C ASN B 122 40.44 2.59 -18.19
N ASN B 123 40.33 1.47 -17.46
CA ASN B 123 41.14 1.16 -16.27
C ASN B 123 41.41 2.39 -15.40
N THR B 124 40.33 2.98 -14.90
CA THR B 124 40.43 4.12 -13.97
C THR B 124 40.80 3.66 -12.58
N SER B 125 40.70 2.37 -12.32
CA SER B 125 40.97 1.81 -11.02
C SER B 125 42.46 1.50 -10.80
N GLY B 126 43.26 1.48 -11.87
CA GLY B 126 44.64 1.06 -11.76
C GLY B 126 44.85 -0.40 -11.43
N PHE B 127 43.85 -1.26 -11.69
CA PHE B 127 43.92 -2.68 -11.34
C PHE B 127 44.25 -3.57 -12.52
N PHE B 128 44.07 -3.11 -13.76
CA PHE B 128 44.00 -3.99 -14.92
C PHE B 128 45.15 -3.71 -15.87
N ASN B 129 46.06 -4.68 -16.02
CA ASN B 129 47.03 -4.64 -17.11
C ASN B 129 46.30 -4.90 -18.43
N SER B 130 46.98 -4.69 -19.57
CA SER B 130 46.22 -4.77 -20.81
C SER B 130 45.88 -6.20 -21.22
N SER B 131 46.37 -7.24 -20.52
CA SER B 131 45.94 -8.58 -20.87
C SER B 131 44.48 -8.81 -20.49
N VAL B 132 43.96 -8.01 -19.60
CA VAL B 132 42.54 -8.06 -19.24
C VAL B 132 41.78 -7.27 -20.27
N ASP B 133 40.82 -7.91 -20.93
CA ASP B 133 40.01 -7.21 -21.91
C ASP B 133 39.29 -6.05 -21.23
N PRO B 134 39.20 -4.87 -21.89
CA PRO B 134 38.35 -3.79 -21.38
C PRO B 134 36.93 -4.20 -21.03
N ARG B 135 36.30 -5.00 -21.88
CA ARG B 135 34.92 -5.42 -21.66
C ARG B 135 34.75 -6.29 -20.43
N GLN B 136 35.85 -6.67 -19.78
CA GLN B 136 35.85 -7.64 -18.68
C GLN B 136 36.44 -7.07 -17.40
N ARG B 137 36.78 -5.79 -17.37
CA ARG B 137 37.45 -5.17 -16.22
C ARG B 137 36.41 -4.87 -15.13
N ALA B 138 36.09 -5.91 -14.35
CA ALA B 138 34.95 -5.91 -13.45
C ALA B 138 35.39 -5.52 -12.04
N VAL B 139 34.76 -4.48 -11.49
CA VAL B 139 34.97 -4.06 -10.11
C VAL B 139 33.62 -4.10 -9.39
N ALA B 140 33.57 -4.89 -8.31
CA ALA B 140 32.45 -4.95 -7.39
C ALA B 140 32.59 -3.88 -6.33
N VAL B 141 31.54 -3.07 -6.15
CA VAL B 141 31.44 -2.09 -5.08
C VAL B 141 30.37 -2.58 -4.12
N TRP B 142 30.77 -2.93 -2.88
CA TRP B 142 29.90 -3.68 -2.00
C TRP B 142 30.01 -3.18 -0.57
N THR B 143 29.05 -3.57 0.28
CA THR B 143 29.07 -3.19 1.69
C THR B 143 29.64 -4.31 2.57
N LEU B 144 30.66 -3.98 3.37
CA LEU B 144 31.10 -4.89 4.42
C LEU B 144 30.36 -4.55 5.70
N SER B 145 29.65 -5.52 6.22
CA SER B 145 28.91 -5.41 7.47
C SER B 145 29.62 -6.31 8.44
N LYS B 146 30.28 -5.71 9.43
CA LYS B 146 30.99 -6.52 10.41
C LYS B 146 30.87 -5.87 11.77
N GLY B 147 30.40 -6.64 12.75
CA GLY B 147 30.06 -6.11 14.05
C GLY B 147 29.13 -4.94 13.87
N PRO B 148 29.51 -3.77 14.40
CA PRO B 148 28.66 -2.59 14.29
C PRO B 148 28.90 -1.73 13.06
N SER B 149 29.82 -2.09 12.18
CA SER B 149 30.20 -1.24 11.07
C SER B 149 29.55 -1.67 9.76
N GLN B 150 29.21 -0.68 8.93
CA GLN B 150 28.81 -0.91 7.55
C GLN B 150 29.50 0.10 6.65
N ALA B 151 30.44 -0.39 5.84
CA ALA B 151 31.26 0.50 5.03
C ALA B 151 31.43 -0.09 3.64
N GLN B 152 31.66 0.78 2.65
CA GLN B 152 31.78 0.33 1.26
C GLN B 152 33.22 -0.07 0.92
N HIS B 153 33.37 -1.30 0.45
CA HIS B 153 34.61 -1.86 -0.06
C HIS B 153 34.51 -2.04 -1.57
N ILE B 154 35.67 -2.20 -2.23
CA ILE B 154 35.69 -2.66 -3.62
C ILE B 154 36.61 -3.86 -3.73
N SER B 155 36.17 -4.83 -4.51
CA SER B 155 36.98 -5.94 -4.96
C SER B 155 36.95 -5.97 -6.49
N TYR B 156 37.85 -6.73 -7.10
CA TYR B 156 37.93 -6.76 -8.56
C TYR B 156 38.32 -8.16 -9.00
N SER B 157 37.97 -8.49 -10.25
CA SER B 157 38.18 -9.80 -10.83
C SER B 157 39.14 -9.71 -12.02
N LEU B 158 40.01 -10.71 -12.13
CA LEU B 158 40.91 -10.87 -13.27
C LEU B 158 40.57 -12.09 -14.11
N ASP B 159 39.47 -12.78 -13.81
CA ASP B 159 39.02 -13.91 -14.61
C ASP B 159 37.58 -13.71 -15.02
N GLY B 160 37.19 -12.47 -15.30
CA GLY B 160 35.88 -12.19 -15.84
C GLY B 160 34.73 -12.37 -14.87
N GLY B 161 34.97 -12.23 -13.58
CA GLY B 161 33.90 -12.18 -12.61
C GLY B 161 33.64 -13.45 -11.84
N TYR B 162 34.55 -14.41 -11.87
CA TYR B 162 34.33 -15.62 -11.10
C TYR B 162 35.03 -15.58 -9.74
N THR B 163 36.28 -15.15 -9.68
CA THR B 163 36.99 -15.01 -8.42
C THR B 163 37.32 -13.54 -8.22
N PHE B 164 37.40 -13.10 -6.96
CA PHE B 164 37.62 -11.67 -6.68
C PHE B 164 38.71 -11.42 -5.65
N GLN B 165 39.28 -10.22 -5.68
CA GLN B 165 40.34 -9.83 -4.72
C GLN B 165 39.98 -8.50 -4.07
N HIS B 166 40.02 -8.45 -2.75
CA HIS B 166 39.67 -7.23 -2.00
C HIS B 166 40.75 -6.19 -2.19
N TYR B 167 40.40 -4.92 -2.27
CA TYR B 167 41.45 -3.90 -2.45
C TYR B 167 41.73 -3.16 -1.15
N SER B 168 42.99 -3.12 -0.76
CA SER B 168 43.61 -2.27 0.29
C SER B 168 43.48 -2.75 1.72
N ASP B 169 42.76 -3.81 2.02
CA ASP B 169 42.64 -4.19 3.46
C ASP B 169 42.02 -3.08 4.33
N ASN B 170 41.11 -2.28 3.77
CA ASN B 170 40.37 -1.14 4.35
C ASN B 170 39.22 -0.78 3.42
N ALA B 171 38.26 -0.02 3.90
CA ALA B 171 37.11 0.39 3.06
C ALA B 171 37.49 1.59 2.19
N VAL B 172 36.70 1.88 1.18
CA VAL B 172 36.96 3.08 0.39
C VAL B 172 35.96 4.19 0.70
N LEU B 173 34.85 3.89 1.39
CA LEU B 173 33.90 4.90 1.82
C LEU B 173 33.26 4.46 3.13
N ASP B 174 33.77 5.00 4.23
CA ASP B 174 33.29 4.74 5.58
C ASP B 174 32.74 6.04 6.17
N ILE B 175 31.68 5.98 6.97
CA ILE B 175 31.25 7.21 7.63
C ILE B 175 30.86 6.96 9.09
N ASN B 176 31.58 6.05 9.76
CA ASN B 176 31.21 5.43 11.04
C ASN B 176 29.70 5.41 11.22
N SER B 177 29.02 4.76 10.30
CA SER B 177 27.59 4.54 10.39
C SER B 177 27.34 3.06 10.63
N SER B 178 26.22 2.77 11.26
CA SER B 178 25.81 1.38 11.33
C SER B 178 24.81 1.04 10.24
N ASN B 179 24.32 2.03 9.47
CA ASN B 179 23.30 1.81 8.45
C ASN B 179 23.66 2.59 7.18
N PHE B 180 24.64 2.05 6.46
CA PHE B 180 25.27 2.70 5.32
C PHE B 180 25.53 1.55 4.35
N ARG B 181 24.68 1.40 3.33
CA ARG B 181 24.78 0.16 2.56
C ARG B 181 24.24 0.35 1.14
N ASP B 182 24.48 -0.69 0.31
CA ASP B 182 23.91 -0.98 -1.00
C ASP B 182 24.34 -0.01 -2.08
N PRO B 183 25.64 0.10 -2.36
CA PRO B 183 26.09 1.07 -3.37
C PRO B 183 25.80 0.58 -4.79
N LYS B 184 25.17 1.41 -5.59
CA LYS B 184 24.91 1.11 -7.00
C LYS B 184 25.60 2.19 -7.82
N VAL B 185 26.56 1.79 -8.64
CA VAL B 185 27.45 2.72 -9.32
C VAL B 185 27.22 2.67 -10.82
N PHE B 186 27.32 3.83 -11.45
CA PHE B 186 27.27 3.95 -12.90
C PHE B 186 28.30 5.00 -13.33
N TRP B 187 28.51 5.13 -14.65
CA TRP B 187 29.45 6.12 -15.17
C TRP B 187 28.67 7.31 -15.73
N HIS B 188 29.05 8.51 -15.30
CA HIS B 188 28.47 9.76 -15.79
C HIS B 188 29.46 10.39 -16.78
N GLU B 189 29.10 10.34 -18.07
CA GLU B 189 29.90 11.03 -19.09
C GLU B 189 29.82 12.54 -18.86
N GLY B 190 30.98 13.15 -18.63
CA GLY B 190 31.02 14.60 -18.56
C GLY B 190 30.73 15.22 -19.92
N GLU B 191 30.06 16.37 -19.90
CA GLU B 191 29.83 17.12 -21.12
C GLU B 191 30.70 18.38 -21.11
N ASN B 192 30.63 19.12 -22.21
CA ASN B 192 31.74 19.93 -22.68
C ASN B 192 33.00 19.07 -22.60
N GLY B 193 34.09 19.61 -22.05
CA GLY B 193 35.32 18.84 -22.03
C GLY B 193 35.61 18.28 -20.66
N GLU B 194 34.61 18.27 -19.78
CA GLU B 194 34.80 17.77 -18.42
C GLU B 194 34.90 16.25 -18.42
N ASP B 195 35.73 15.71 -17.53
CA ASP B 195 36.25 14.37 -17.76
C ASP B 195 35.16 13.31 -17.66
N GLY B 196 34.31 13.40 -16.64
CA GLY B 196 33.37 12.33 -16.34
C GLY B 196 33.74 11.61 -15.06
N ARG B 197 32.72 11.04 -14.39
CA ARG B 197 33.00 10.45 -13.09
C ARG B 197 32.16 9.21 -12.85
N TRP B 198 32.62 8.39 -11.93
CA TRP B 198 31.77 7.38 -11.32
C TRP B 198 30.78 8.03 -10.35
N ILE B 199 29.51 7.65 -10.45
CA ILE B 199 28.47 8.06 -9.52
C ILE B 199 28.03 6.82 -8.72
N MET B 200 28.11 6.93 -7.39
CA MET B 200 27.61 5.93 -6.46
C MET B 200 26.34 6.45 -5.80
N ALA B 201 25.30 5.60 -5.78
CA ALA B 201 24.09 5.81 -4.98
C ALA B 201 24.14 4.83 -3.83
N VAL B 202 24.11 5.35 -2.61
CA VAL B 202 24.12 4.51 -1.42
C VAL B 202 22.96 4.89 -0.52
N ALA B 203 22.64 3.98 0.38
CA ALA B 203 21.55 4.14 1.32
C ALA B 203 22.14 4.45 2.69
N GLU B 204 21.91 5.67 3.17
CA GLU B 204 21.94 5.97 4.60
C GLU B 204 20.53 5.64 5.08
N SER B 205 20.37 4.39 5.50
CA SER B 205 19.08 3.72 5.51
C SER B 205 18.13 4.35 6.51
N GLN B 206 18.55 4.44 7.78
CA GLN B 206 17.64 4.87 8.85
C GLN B 206 17.20 6.31 8.68
N VAL B 207 17.96 7.14 7.96
CA VAL B 207 17.59 8.53 7.75
C VAL B 207 16.91 8.72 6.40
N PHE B 208 16.49 7.64 5.74
CA PHE B 208 15.80 7.73 4.45
C PHE B 208 16.60 8.60 3.47
N SER B 209 17.85 8.21 3.25
CA SER B 209 18.71 8.99 2.37
C SER B 209 19.36 8.10 1.32
N VAL B 210 19.25 8.52 0.07
CA VAL B 210 20.15 8.08 -1.01
C VAL B 210 21.22 9.14 -1.14
N LEU B 211 22.45 8.80 -0.75
CA LEU B 211 23.59 9.68 -0.97
C LEU B 211 24.21 9.42 -2.33
N PHE B 212 24.63 10.49 -2.98
CA PHE B 212 25.28 10.45 -4.29
C PHE B 212 26.71 10.94 -4.07
N TYR B 213 27.67 10.01 -4.16
CA TYR B 213 29.10 10.31 -4.14
C TYR B 213 29.68 10.16 -5.53
N SER B 214 30.65 10.99 -5.88
CA SER B 214 31.37 10.76 -7.12
C SER B 214 32.80 10.31 -6.82
N SER B 215 33.42 9.79 -7.87
CA SER B 215 34.82 9.39 -7.80
C SER B 215 35.43 9.49 -9.18
N PRO B 216 36.70 9.82 -9.27
CA PRO B 216 37.40 9.68 -10.55
C PRO B 216 37.84 8.24 -10.76
N ASN B 217 38.07 7.52 -9.65
CA ASN B 217 38.82 6.27 -9.72
C ASN B 217 38.26 5.12 -8.89
N LEU B 218 36.99 5.18 -8.46
CA LEU B 218 36.36 4.16 -7.61
C LEU B 218 37.04 4.00 -6.25
N LYS B 219 37.98 4.88 -5.89
CA LYS B 219 38.69 4.77 -4.62
C LYS B 219 38.44 5.98 -3.72
N ASN B 220 38.78 7.18 -4.17
CA ASN B 220 38.51 8.40 -3.41
C ASN B 220 37.11 8.87 -3.80
N TRP B 221 36.19 8.89 -2.83
CA TRP B 221 34.81 9.29 -3.05
C TRP B 221 34.52 10.61 -2.36
N THR B 222 33.61 11.39 -2.96
CA THR B 222 33.24 12.67 -2.37
C THR B 222 31.72 12.84 -2.42
N LEU B 223 31.15 13.28 -1.31
CA LEU B 223 29.73 13.56 -1.22
C LEU B 223 29.29 14.62 -2.23
N GLU B 224 28.28 14.30 -3.03
CA GLU B 224 27.75 15.25 -3.99
C GLU B 224 26.33 15.69 -3.67
N SER B 225 25.45 14.76 -3.29
CA SER B 225 24.12 15.20 -2.83
C SER B 225 23.49 14.15 -1.92
N ASN B 226 22.39 14.55 -1.26
CA ASN B 226 21.75 13.82 -0.16
C ASN B 226 20.25 13.89 -0.43
N PHE B 227 19.76 12.92 -1.22
CA PHE B 227 18.35 12.80 -1.58
C PHE B 227 17.60 12.16 -0.41
N THR B 228 16.71 12.92 0.24
CA THR B 228 16.26 12.51 1.56
C THR B 228 14.76 12.74 1.71
N HIS B 229 14.10 11.80 2.38
CA HIS B 229 12.71 11.94 2.79
C HIS B 229 11.77 12.18 1.61
N HIS B 230 11.88 11.31 0.60
CA HIS B 230 10.98 11.33 -0.53
C HIS B 230 10.10 10.09 -0.57
N GLY B 231 8.96 10.24 -1.24
CA GLY B 231 8.11 9.10 -1.56
C GLY B 231 7.56 8.38 -0.34
N TRP B 232 7.70 7.06 -0.36
CA TRP B 232 7.24 6.19 0.71
C TRP B 232 8.43 5.83 1.57
N THR B 233 8.61 6.54 2.68
CA THR B 233 9.82 6.32 3.45
C THR B 233 9.77 5.01 4.21
N GLY B 234 8.58 4.59 4.66
CA GLY B 234 8.51 3.35 5.40
C GLY B 234 9.42 3.43 6.61
N THR B 235 10.23 2.40 6.80
CA THR B 235 11.15 2.35 7.92
C THR B 235 12.59 2.60 7.53
N GLN B 236 13.01 2.18 6.35
CA GLN B 236 14.39 2.34 5.92
C GLN B 236 14.43 2.45 4.40
N TYR B 237 15.31 3.33 3.91
CA TYR B 237 15.73 3.26 2.51
C TYR B 237 16.73 2.13 2.34
N GLU B 238 16.54 1.34 1.28
CA GLU B 238 17.50 0.29 0.95
C GLU B 238 17.64 0.20 -0.57
N CYS B 239 18.83 -0.28 -0.99
CA CYS B 239 19.10 -0.68 -2.37
C CYS B 239 18.78 0.38 -3.42
N PRO B 240 19.45 1.52 -3.39
CA PRO B 240 19.13 2.57 -4.34
C PRO B 240 19.84 2.34 -5.67
N GLY B 241 19.27 2.94 -6.71
CA GLY B 241 19.93 2.87 -7.98
C GLY B 241 19.44 3.94 -8.94
N LEU B 242 20.35 4.78 -9.40
CA LEU B 242 20.04 5.79 -10.39
C LEU B 242 20.34 5.26 -11.78
N VAL B 243 19.44 5.58 -12.72
CA VAL B 243 19.45 5.01 -14.05
C VAL B 243 18.89 6.06 -15.01
N LYS B 244 19.26 5.95 -16.28
CA LYS B 244 18.66 6.79 -17.31
C LYS B 244 17.95 5.90 -18.30
N VAL B 245 16.72 6.27 -18.66
CA VAL B 245 15.77 5.34 -19.24
C VAL B 245 15.18 5.99 -20.50
N PRO B 246 15.05 5.24 -21.60
CA PRO B 246 14.37 5.79 -22.78
C PRO B 246 12.93 6.17 -22.49
N TYR B 247 12.41 7.13 -23.28
CA TYR B 247 11.09 7.72 -23.05
C TYR B 247 10.32 7.76 -24.37
N ASP B 248 9.29 6.89 -24.48
CA ASP B 248 8.36 6.85 -25.62
C ASP B 248 7.33 7.94 -25.44
N SER B 249 7.62 9.12 -25.99
CA SER B 249 6.75 10.29 -25.81
C SER B 249 5.68 10.31 -26.91
N VAL B 250 4.42 10.30 -26.48
CA VAL B 250 3.25 10.56 -27.33
C VAL B 250 2.35 11.45 -26.46
N ALA B 251 2.75 12.71 -26.30
CA ALA B 251 2.13 13.64 -25.36
C ALA B 251 1.63 14.88 -26.09
N ASP B 252 1.24 15.90 -25.32
CA ASP B 252 0.89 17.21 -25.85
C ASP B 252 1.93 18.24 -25.42
N PRO B 262 11.11 14.59 -24.04
CA PRO B 262 12.44 14.30 -24.59
C PRO B 262 12.64 12.85 -25.01
N ASP B 263 13.92 12.54 -25.26
CA ASP B 263 14.29 11.19 -25.63
C ASP B 263 14.35 10.28 -24.41
N SER B 264 14.80 10.82 -23.28
CA SER B 264 15.11 10.04 -22.09
C SER B 264 14.61 10.76 -20.87
N ALA B 265 14.75 10.10 -19.72
CA ALA B 265 14.51 10.71 -18.42
C ALA B 265 15.26 9.86 -17.41
N TRP B 266 15.56 10.43 -16.25
CA TRP B 266 16.22 9.62 -15.23
C TRP B 266 15.21 8.98 -14.28
N VAL B 267 15.54 7.77 -13.81
CA VAL B 267 14.74 7.04 -12.83
C VAL B 267 15.60 6.68 -11.62
N LEU B 268 15.07 6.92 -10.42
CA LEU B 268 15.72 6.51 -9.19
C LEU B 268 14.91 5.40 -8.52
N PHE B 269 15.55 4.26 -8.27
CA PHE B 269 14.91 3.15 -7.57
C PHE B 269 15.30 3.22 -6.10
N VAL B 270 14.30 3.15 -5.23
CA VAL B 270 14.53 3.06 -3.81
C VAL B 270 13.68 1.93 -3.27
N SER B 271 14.31 0.99 -2.58
CA SER B 271 13.58 -0.10 -1.95
C SER B 271 13.37 0.22 -0.47
N ILE B 272 12.19 -0.17 0.04
CA ILE B 272 11.76 0.14 1.40
C ILE B 272 11.51 -1.15 2.13
N ASN B 273 12.15 -1.31 3.29
CA ASN B 273 11.78 -2.38 4.22
C ASN B 273 12.42 -2.15 5.57
N PRO B 274 11.69 -2.36 6.67
CA PRO B 274 10.26 -2.68 6.63
C PRO B 274 9.41 -1.48 6.27
N GLY B 275 8.09 -1.66 6.29
CA GLY B 275 7.17 -0.55 6.16
C GLY B 275 6.47 -0.42 4.84
N GLY B 276 6.46 -1.46 4.01
CA GLY B 276 5.66 -1.43 2.82
C GLY B 276 4.18 -1.38 3.17
N PRO B 277 3.36 -0.84 2.27
CA PRO B 277 1.93 -0.71 2.57
C PRO B 277 1.23 -2.04 2.73
N LEU B 278 1.56 -3.02 1.89
CA LEU B 278 1.10 -4.39 2.12
C LEU B 278 1.80 -5.04 3.32
N GLY B 279 2.83 -4.40 3.86
CA GLY B 279 3.60 -4.94 4.96
C GLY B 279 4.87 -5.52 4.44
N GLY B 280 5.99 -5.24 5.08
CA GLY B 280 7.26 -5.83 4.66
C GLY B 280 7.94 -4.96 3.62
N SER B 281 8.38 -5.58 2.54
CA SER B 281 9.25 -4.90 1.58
C SER B 281 8.48 -4.41 0.36
N VAL B 282 9.04 -3.41 -0.32
CA VAL B 282 8.43 -2.86 -1.52
C VAL B 282 9.49 -2.05 -2.26
N THR B 283 9.24 -1.79 -3.55
CA THR B 283 10.15 -1.03 -4.40
C THR B 283 9.41 0.14 -5.02
N GLN B 284 9.90 1.37 -4.82
CA GLN B 284 9.36 2.53 -5.49
C GLN B 284 10.40 3.15 -6.42
N TYR B 285 9.93 4.09 -7.24
CA TYR B 285 10.82 4.79 -8.16
C TYR B 285 10.34 6.24 -8.33
N PHE B 286 11.29 7.12 -8.59
CA PHE B 286 11.01 8.52 -8.93
C PHE B 286 11.46 8.82 -10.35
N VAL B 287 10.75 9.72 -11.03
CA VAL B 287 11.07 10.15 -12.39
C VAL B 287 11.56 11.58 -12.34
N GLY B 288 12.67 11.86 -13.03
CA GLY B 288 13.24 13.19 -12.96
C GLY B 288 14.45 13.43 -13.82
N ASP B 289 15.39 14.24 -13.32
CA ASP B 289 16.62 14.48 -14.04
C ASP B 289 17.80 14.41 -13.09
N PHE B 290 18.96 14.05 -13.63
CA PHE B 290 20.21 14.09 -12.90
C PHE B 290 21.10 15.14 -13.56
N ASN B 291 21.49 16.17 -12.81
CA ASN B 291 22.30 17.26 -13.33
C ASN B 291 23.79 17.04 -13.14
N GLY B 292 24.22 15.81 -12.79
CA GLY B 292 25.60 15.53 -12.46
C GLY B 292 25.90 15.46 -10.98
N THR B 293 25.12 16.10 -10.13
CA THR B 293 25.31 15.94 -8.70
C THR B 293 23.98 15.66 -7.99
N HIS B 294 22.87 16.10 -8.56
CA HIS B 294 21.60 16.08 -7.86
C HIS B 294 20.56 15.37 -8.70
N PHE B 295 19.78 14.52 -8.05
CA PHE B 295 18.58 13.99 -8.67
C PHE B 295 17.38 14.86 -8.29
N THR B 296 16.61 15.27 -9.29
CA THR B 296 15.53 16.24 -9.12
C THR B 296 14.27 15.71 -9.76
N PRO B 297 13.29 15.30 -8.97
CA PRO B 297 12.09 14.66 -9.51
C PRO B 297 11.19 15.68 -10.16
N ILE B 298 10.41 15.22 -11.14
CA ILE B 298 9.49 16.05 -11.91
C ILE B 298 8.18 16.31 -11.19
N ASP B 299 7.94 15.63 -10.06
CA ASP B 299 6.79 15.82 -9.19
C ASP B 299 7.13 15.18 -7.85
N ASP B 300 6.22 15.25 -6.90
CA ASP B 300 6.40 14.54 -5.64
C ASP B 300 5.51 13.31 -5.55
N GLN B 301 5.21 12.71 -6.69
CA GLN B 301 4.38 11.52 -6.76
C GLN B 301 5.11 10.33 -6.15
N THR B 302 4.33 9.34 -5.72
CA THR B 302 4.88 8.07 -5.27
C THR B 302 4.45 7.00 -6.25
N ARG B 303 5.42 6.30 -6.81
CA ARG B 303 5.18 5.31 -7.83
C ARG B 303 5.83 4.02 -7.38
N PHE B 304 5.04 2.95 -7.31
CA PHE B 304 5.56 1.63 -6.98
C PHE B 304 5.90 0.90 -8.27
N LEU B 305 7.06 0.25 -8.25
CA LEU B 305 7.50 -0.48 -9.44
C LEU B 305 6.66 -1.74 -9.64
N ASP B 306 6.24 -2.36 -8.54
CA ASP B 306 5.45 -3.58 -8.60
C ASP B 306 4.41 -3.56 -7.48
N MET B 307 3.18 -3.85 -7.83
CA MET B 307 2.07 -3.83 -6.90
C MET B 307 1.91 -5.15 -6.14
N GLY B 308 2.74 -6.15 -6.40
CA GLY B 308 2.63 -7.40 -5.67
C GLY B 308 3.36 -7.33 -4.32
N LYS B 309 3.40 -8.47 -3.66
CA LYS B 309 3.96 -8.56 -2.32
C LYS B 309 5.40 -9.03 -2.28
N ASP B 310 5.91 -9.59 -3.39
CA ASP B 310 7.19 -10.30 -3.42
C ASP B 310 8.07 -9.80 -4.57
N TYR B 311 8.39 -8.52 -4.54
CA TYR B 311 9.25 -7.90 -5.55
C TYR B 311 10.08 -6.88 -4.80
N TYR B 312 11.35 -7.18 -4.57
CA TYR B 312 12.12 -6.33 -3.69
C TYR B 312 13.57 -6.28 -4.14
N ALA B 313 14.23 -5.15 -3.81
CA ALA B 313 15.66 -5.01 -3.95
C ALA B 313 16.09 -5.00 -5.40
N LEU B 314 15.23 -4.52 -6.28
CA LEU B 314 15.56 -4.46 -7.69
C LEU B 314 16.94 -3.84 -7.91
N GLN B 315 17.75 -4.52 -8.70
CA GLN B 315 18.96 -3.93 -9.26
C GLN B 315 18.93 -3.97 -10.79
N THR B 316 19.36 -2.87 -11.43
CA THR B 316 19.58 -2.87 -12.87
C THR B 316 20.99 -3.33 -13.22
N PHE B 317 21.08 -4.02 -14.36
CA PHE B 317 22.38 -4.39 -14.90
C PHE B 317 23.20 -3.15 -15.18
N PHE B 318 24.52 -3.25 -14.91
CA PHE B 318 25.43 -2.14 -15.20
C PHE B 318 25.36 -1.73 -16.66
N ASN B 319 25.17 -2.67 -17.57
CA ASN B 319 25.27 -2.43 -19.00
C ASN B 319 24.47 -3.50 -19.70
N THR B 320 23.95 -3.14 -20.90
CA THR B 320 23.22 -4.09 -21.75
C THR B 320 23.90 -4.23 -23.11
N PRO B 321 23.51 -5.23 -23.92
CA PRO B 321 24.06 -5.33 -25.29
C PRO B 321 23.89 -4.07 -26.14
N ASN B 322 22.68 -3.52 -26.21
CA ASN B 322 22.38 -2.32 -26.98
C ASN B 322 22.95 -1.03 -26.40
N GLU B 323 23.66 -1.08 -25.27
CA GLU B 323 24.16 0.10 -24.55
C GLU B 323 23.13 1.19 -24.25
N LYS B 324 21.86 1.02 -24.64
CA LYS B 324 20.81 1.99 -24.31
C LYS B 324 19.63 1.40 -23.54
N ASP B 325 19.34 0.10 -23.68
CA ASP B 325 18.21 -0.50 -22.98
C ASP B 325 18.55 -0.71 -21.50
N VAL B 326 17.52 -0.62 -20.64
CA VAL B 326 17.70 -0.76 -19.19
C VAL B 326 16.97 -2.01 -18.71
N TYR B 327 17.73 -2.95 -18.13
CA TYR B 327 17.26 -4.22 -17.61
C TYR B 327 17.42 -4.28 -16.09
N GLY B 328 16.45 -4.88 -15.40
CA GLY B 328 16.54 -5.04 -13.95
C GLY B 328 15.99 -6.37 -13.49
N ILE B 329 16.56 -6.85 -12.39
CA ILE B 329 16.12 -8.08 -11.72
C ILE B 329 15.82 -7.73 -10.27
N ALA B 330 14.89 -8.49 -9.67
CA ALA B 330 14.52 -8.26 -8.28
C ALA B 330 14.40 -9.59 -7.54
N TRP B 331 14.43 -9.49 -6.21
CA TRP B 331 14.27 -10.64 -5.33
C TRP B 331 12.78 -10.88 -5.10
N ALA B 332 12.36 -12.11 -5.35
CA ALA B 332 10.94 -12.44 -5.46
C ALA B 332 10.42 -13.05 -4.16
N SER B 333 10.42 -12.22 -3.11
CA SER B 333 9.81 -12.59 -1.83
C SER B 333 9.59 -11.33 -1.01
N ASN B 334 9.13 -11.51 0.23
CA ASN B 334 8.93 -10.41 1.16
C ASN B 334 9.67 -10.74 2.44
N TRP B 335 10.35 -9.74 3.03
CA TRP B 335 11.17 -10.01 4.22
C TRP B 335 10.35 -10.52 5.38
N GLN B 336 9.03 -10.29 5.39
CA GLN B 336 8.21 -10.72 6.51
C GLN B 336 8.18 -12.24 6.63
N TYR B 337 8.09 -12.95 5.52
CA TYR B 337 7.95 -14.40 5.60
C TYR B 337 8.99 -15.16 4.82
N ALA B 338 9.94 -14.48 4.17
CA ALA B 338 10.82 -15.15 3.20
C ALA B 338 11.60 -16.29 3.85
N GLN B 339 12.21 -16.06 5.01
CA GLN B 339 12.98 -17.14 5.61
C GLN B 339 12.10 -18.23 6.22
N GLN B 340 10.80 -18.21 5.96
CA GLN B 340 9.88 -19.25 6.40
C GLN B 340 9.25 -19.99 5.24
N ALA B 341 9.55 -19.60 4.00
CA ALA B 341 8.97 -20.22 2.82
C ALA B 341 9.19 -21.73 2.82
N PRO B 342 8.23 -22.50 2.35
CA PRO B 342 8.32 -23.97 2.46
C PRO B 342 9.08 -24.63 1.30
N THR B 343 10.33 -24.26 1.13
CA THR B 343 11.16 -24.84 0.05
C THR B 343 12.45 -25.36 0.66
N ASP B 344 13.00 -26.43 0.09
CA ASP B 344 14.26 -27.01 0.58
C ASP B 344 14.96 -27.59 -0.65
N PRO B 345 16.28 -27.53 -0.82
CA PRO B 345 17.21 -27.02 0.15
C PRO B 345 17.59 -25.58 -0.19
N TRP B 346 16.75 -24.87 -0.90
CA TRP B 346 16.98 -23.46 -1.29
C TRP B 346 15.84 -22.62 -0.76
N ARG B 347 16.07 -21.35 -0.43
CA ARG B 347 14.91 -20.59 0.05
C ARG B 347 14.45 -19.51 -0.92
N SER B 348 15.29 -18.65 -1.47
CA SER B 348 14.62 -17.62 -2.29
C SER B 348 14.74 -17.79 -3.80
N SER B 349 13.85 -17.16 -4.54
CA SER B 349 13.85 -17.18 -6.02
C SER B 349 14.04 -15.75 -6.53
N MET B 350 14.40 -15.60 -7.80
CA MET B 350 14.47 -14.23 -8.37
C MET B 350 13.31 -14.04 -9.33
N SER B 351 13.08 -12.81 -9.75
CA SER B 351 12.01 -12.54 -10.71
C SER B 351 12.55 -12.62 -12.12
N LEU B 352 11.68 -12.51 -13.09
CA LEU B 352 12.18 -12.32 -14.44
C LEU B 352 12.88 -10.96 -14.50
N VAL B 353 13.96 -10.91 -15.26
CA VAL B 353 14.48 -9.62 -15.71
C VAL B 353 13.38 -8.89 -16.46
N ARG B 354 13.32 -7.58 -16.30
CA ARG B 354 12.34 -6.76 -17.00
C ARG B 354 13.05 -5.61 -17.68
N GLN B 355 12.46 -5.16 -18.79
CA GLN B 355 12.97 -4.03 -19.56
C GLN B 355 12.11 -2.82 -19.21
N PHE B 356 12.76 -1.79 -18.72
CA PHE B 356 12.10 -0.63 -18.15
C PHE B 356 12.19 0.52 -19.14
N THR B 357 11.03 1.06 -19.49
CA THR B 357 10.97 2.14 -20.44
C THR B 357 9.89 3.10 -19.98
N LEU B 358 10.14 4.39 -20.03
CA LEU B 358 9.18 5.37 -19.51
C LEU B 358 8.17 5.75 -20.60
N LYS B 359 6.86 5.59 -20.31
CA LYS B 359 5.80 5.86 -21.27
C LYS B 359 4.84 6.90 -20.71
N ASP B 360 4.05 7.47 -21.61
CA ASP B 360 2.98 8.38 -21.22
C ASP B 360 1.81 7.54 -20.77
N PHE B 361 1.34 7.75 -19.55
CA PHE B 361 0.28 6.91 -19.01
C PHE B 361 -0.46 7.69 -17.94
N SER B 362 -1.76 7.44 -17.85
CA SER B 362 -2.55 7.95 -16.74
C SER B 362 -3.65 6.93 -16.48
N THR B 363 -4.12 6.89 -15.23
CA THR B 363 -5.05 5.85 -14.80
C THR B 363 -6.50 6.16 -15.16
N ASN B 364 -6.77 7.33 -15.72
CA ASN B 364 -8.07 7.67 -16.27
C ASN B 364 -7.84 8.33 -17.61
N PRO B 365 -8.88 8.43 -18.46
CA PRO B 365 -8.69 8.93 -19.82
C PRO B 365 -8.67 10.44 -19.94
N ASN B 366 -8.70 11.15 -18.83
CA ASN B 366 -8.91 12.59 -18.84
C ASN B 366 -7.70 13.36 -18.33
N SER B 367 -6.55 12.70 -18.23
CA SER B 367 -5.39 13.35 -17.63
C SER B 367 -4.12 12.90 -18.31
N ALA B 368 -3.04 13.59 -18.02
CA ALA B 368 -1.70 13.19 -18.39
C ALA B 368 -0.90 12.86 -17.14
N ASP B 369 0.06 11.95 -17.31
CA ASP B 369 1.07 11.57 -16.33
C ASP B 369 2.08 10.68 -17.06
N VAL B 370 2.98 10.06 -16.31
CA VAL B 370 4.10 9.31 -16.86
C VAL B 370 4.35 8.09 -15.99
N VAL B 371 4.63 6.94 -16.61
CA VAL B 371 4.75 5.66 -15.90
C VAL B 371 5.96 4.88 -16.40
N LEU B 372 6.54 4.08 -15.51
CA LEU B 372 7.58 3.14 -15.92
C LEU B 372 6.90 1.88 -16.43
N ASN B 373 6.84 1.74 -17.75
CA ASN B 373 6.41 0.49 -18.36
C ASN B 373 7.47 -0.60 -18.15
N SER B 374 7.00 -1.81 -17.85
CA SER B 374 7.85 -2.96 -17.61
C SER B 374 7.52 -4.04 -18.62
N GLN B 375 8.54 -4.63 -19.23
CA GLN B 375 8.33 -5.60 -20.30
C GLN B 375 9.17 -6.84 -19.98
N PRO B 376 8.56 -8.03 -19.88
CA PRO B 376 9.36 -9.20 -19.49
C PRO B 376 10.47 -9.44 -20.49
N VAL B 377 11.53 -10.11 -20.04
CA VAL B 377 12.70 -10.38 -20.87
C VAL B 377 13.01 -11.86 -20.67
N LEU B 378 12.51 -12.70 -21.58
CA LEU B 378 12.79 -14.13 -21.57
C LEU B 378 13.16 -14.57 -22.98
N ASN B 379 13.79 -15.74 -23.05
CA ASN B 379 14.10 -16.39 -24.32
C ASN B 379 12.82 -17.03 -24.87
N TYR B 380 11.94 -16.15 -25.36
CA TYR B 380 10.60 -16.56 -25.75
C TYR B 380 10.62 -17.48 -26.97
N ASP B 381 11.54 -17.22 -27.91
CA ASP B 381 11.68 -18.09 -29.07
C ASP B 381 11.89 -19.55 -28.65
N ALA B 382 12.96 -19.79 -27.89
CA ALA B 382 13.25 -21.14 -27.42
C ALA B 382 12.10 -21.70 -26.58
N LEU B 383 11.54 -20.88 -25.70
CA LEU B 383 10.57 -21.39 -24.75
C LEU B 383 9.28 -21.81 -25.45
N ARG B 384 8.76 -20.92 -26.30
CA ARG B 384 7.49 -21.18 -26.96
C ARG B 384 7.62 -22.28 -28.00
N LYS B 385 8.73 -22.35 -28.74
CA LYS B 385 8.83 -23.39 -29.75
C LYS B 385 9.15 -24.75 -29.12
N ASN B 386 9.86 -24.77 -27.98
CA ASN B 386 9.99 -26.05 -27.30
C ASN B 386 8.71 -26.44 -26.55
N GLY B 387 7.57 -25.75 -26.79
CA GLY B 387 6.42 -25.84 -25.90
C GLY B 387 5.07 -25.69 -26.58
N THR B 388 4.01 -25.93 -25.79
CA THR B 388 2.67 -26.24 -26.30
C THR B 388 1.69 -25.09 -26.10
N THR B 389 1.02 -24.69 -27.18
CA THR B 389 0.12 -23.54 -27.19
C THR B 389 -1.35 -23.97 -27.15
N TYR B 390 -2.21 -23.06 -26.67
CA TYR B 390 -3.66 -23.21 -26.58
C TYR B 390 -4.28 -21.84 -26.86
N SER B 391 -5.48 -21.82 -27.46
CA SER B 391 -6.18 -20.57 -27.79
C SER B 391 -7.68 -20.66 -27.49
N ILE B 392 -8.32 -19.48 -27.40
CA ILE B 392 -9.76 -19.28 -27.23
C ILE B 392 -10.11 -17.87 -27.75
N THR B 393 -11.14 -17.76 -28.61
CA THR B 393 -11.51 -16.49 -29.23
C THR B 393 -13.01 -16.28 -29.15
N ASN B 394 -13.44 -15.03 -29.39
CA ASN B 394 -14.82 -14.57 -29.41
C ASN B 394 -15.70 -15.33 -28.41
N TYR B 395 -15.18 -15.49 -27.20
CA TYR B 395 -15.84 -16.30 -26.19
C TYR B 395 -16.60 -15.42 -25.21
N THR B 396 -17.84 -15.80 -24.91
CA THR B 396 -18.71 -15.08 -24.00
C THR B 396 -19.12 -16.03 -22.87
N VAL B 397 -18.86 -15.62 -21.63
CA VAL B 397 -18.74 -16.58 -20.53
C VAL B 397 -20.11 -16.96 -20.02
N THR B 398 -20.38 -18.26 -19.97
CA THR B 398 -21.69 -18.76 -19.58
C THR B 398 -21.54 -20.18 -19.06
N SER B 399 -22.24 -20.47 -17.96
CA SER B 399 -22.20 -21.78 -17.30
C SER B 399 -22.31 -22.96 -18.27
N LYS B 403 -16.35 -23.55 -19.90
CA LYS B 403 -15.21 -23.98 -20.72
C LYS B 403 -13.94 -24.10 -19.85
N LYS B 404 -13.17 -25.16 -20.10
CA LYS B 404 -11.96 -25.48 -19.32
C LYS B 404 -10.81 -25.86 -20.25
N ILE B 405 -9.59 -25.81 -19.74
CA ILE B 405 -8.41 -26.18 -20.54
C ILE B 405 -7.61 -27.19 -19.73
N LYS B 406 -7.29 -28.32 -20.33
CA LYS B 406 -6.47 -29.35 -19.67
C LYS B 406 -5.08 -29.17 -20.24
N LEU B 407 -4.07 -29.08 -19.40
CA LEU B 407 -2.72 -28.91 -19.96
C LEU B 407 -2.13 -30.30 -20.14
N ASP B 408 -1.55 -30.56 -21.30
CA ASP B 408 -1.02 -31.90 -21.61
C ASP B 408 0.42 -31.99 -21.07
N ASN B 409 0.73 -33.05 -20.34
CA ASN B 409 2.11 -33.26 -19.80
C ASN B 409 2.50 -31.99 -19.05
N PRO B 410 1.78 -31.64 -17.98
CA PRO B 410 2.02 -30.40 -17.29
C PRO B 410 3.45 -30.23 -16.82
N SER B 411 4.02 -29.05 -17.07
CA SER B 411 5.40 -28.76 -16.64
C SER B 411 5.35 -27.85 -15.43
N GLY B 412 4.24 -27.15 -15.24
CA GLY B 412 4.15 -26.19 -14.16
C GLY B 412 4.62 -24.80 -14.50
N SER B 413 5.30 -24.62 -15.62
CA SER B 413 5.75 -23.33 -16.09
C SER B 413 4.95 -22.98 -17.33
N LEU B 414 4.34 -21.81 -17.34
CA LEU B 414 3.45 -21.47 -18.44
C LEU B 414 3.35 -19.96 -18.54
N GLU B 415 3.08 -19.49 -19.74
CA GLU B 415 2.72 -18.11 -19.98
C GLU B 415 1.26 -18.09 -20.45
N PHE B 416 0.63 -16.93 -20.30
CA PHE B 416 -0.72 -16.79 -20.84
C PHE B 416 -0.99 -15.32 -21.14
N HIS B 417 -1.89 -15.10 -22.08
CA HIS B 417 -2.31 -13.77 -22.48
C HIS B 417 -3.82 -13.73 -22.44
N LEU B 418 -4.37 -12.58 -22.08
CA LEU B 418 -5.82 -12.51 -21.89
C LEU B 418 -6.31 -11.13 -22.24
N GLU B 419 -7.33 -11.08 -23.11
CA GLU B 419 -8.05 -9.87 -23.45
C GLU B 419 -9.50 -10.11 -23.08
N TYR B 420 -10.06 -9.26 -22.22
CA TYR B 420 -11.44 -9.49 -21.82
C TYR B 420 -12.17 -8.16 -21.77
N VAL B 421 -13.50 -8.24 -21.75
CA VAL B 421 -14.33 -7.05 -21.73
C VAL B 421 -15.61 -7.39 -20.98
N PHE B 422 -16.24 -6.36 -20.42
CA PHE B 422 -17.42 -6.50 -19.59
C PHE B 422 -18.60 -5.90 -20.34
N ASN B 423 -19.73 -6.63 -20.35
CA ASN B 423 -20.87 -6.29 -21.19
C ASN B 423 -22.02 -5.69 -20.40
N GLY B 424 -22.05 -5.86 -19.10
CA GLY B 424 -23.22 -5.52 -18.34
C GLY B 424 -24.18 -6.68 -18.30
N SER B 425 -25.25 -6.48 -17.55
CA SER B 425 -26.26 -7.52 -17.39
C SER B 425 -27.39 -6.97 -16.54
N PRO B 426 -28.65 -7.28 -16.86
CA PRO B 426 -29.74 -6.87 -15.97
C PRO B 426 -29.53 -7.30 -14.54
N ASP B 427 -28.89 -8.46 -14.33
CA ASP B 427 -28.81 -9.08 -13.02
C ASP B 427 -27.62 -8.61 -12.18
N ILE B 428 -26.82 -7.65 -12.65
CA ILE B 428 -25.66 -7.16 -11.92
C ILE B 428 -25.94 -5.76 -11.39
N LYS B 429 -25.98 -5.62 -10.06
CA LYS B 429 -25.96 -4.28 -9.46
C LYS B 429 -24.87 -4.17 -8.39
N SER B 430 -24.85 -3.07 -7.64
CA SER B 430 -23.70 -2.73 -6.81
C SER B 430 -23.48 -3.68 -5.64
N ASN B 431 -24.42 -4.57 -5.33
CA ASN B 431 -24.33 -5.36 -4.10
C ASN B 431 -24.12 -6.84 -4.39
N VAL B 432 -23.27 -7.15 -5.38
CA VAL B 432 -22.99 -8.53 -5.74
C VAL B 432 -21.55 -8.66 -6.22
N PHE B 433 -21.02 -9.87 -6.15
CA PHE B 433 -19.70 -10.17 -6.66
C PHE B 433 -19.87 -10.74 -8.07
N ALA B 434 -19.65 -9.89 -9.06
CA ALA B 434 -19.84 -10.19 -10.48
C ALA B 434 -18.47 -10.37 -11.11
N ASP B 435 -17.84 -11.51 -10.82
CA ASP B 435 -16.46 -11.72 -11.20
C ASP B 435 -16.34 -12.54 -12.45
N LEU B 436 -15.23 -12.34 -13.14
CA LEU B 436 -14.73 -13.26 -14.16
C LEU B 436 -13.46 -13.84 -13.57
N SER B 437 -13.51 -15.11 -13.20
CA SER B 437 -12.39 -15.78 -12.55
C SER B 437 -11.82 -16.85 -13.46
N LEU B 438 -10.54 -17.15 -13.22
CA LEU B 438 -9.82 -18.23 -13.91
C LEU B 438 -9.11 -19.01 -12.83
N TYR B 439 -9.47 -20.28 -12.70
CA TYR B 439 -8.90 -21.14 -11.69
C TYR B 439 -7.81 -21.98 -12.36
N PHE B 440 -6.56 -21.70 -12.02
CA PHE B 440 -5.44 -22.56 -12.41
C PHE B 440 -5.34 -23.65 -11.35
N LYS B 441 -5.95 -24.81 -11.64
CA LYS B 441 -6.00 -25.94 -10.72
C LYS B 441 -4.75 -26.81 -10.88
N GLY B 442 -4.53 -27.71 -9.92
CA GLY B 442 -3.36 -28.59 -9.91
C GLY B 442 -3.73 -30.00 -10.35
N ASN B 443 -2.77 -30.68 -11.01
CA ASN B 443 -3.05 -32.00 -11.60
C ASN B 443 -3.21 -33.08 -10.54
N ASN B 444 -2.24 -33.20 -9.63
CA ASN B 444 -2.29 -34.26 -8.62
C ASN B 444 -3.37 -33.99 -7.57
N ASP B 445 -3.46 -32.76 -7.09
CA ASP B 445 -4.52 -32.35 -6.18
C ASP B 445 -5.10 -31.04 -6.70
N ASP B 446 -6.38 -31.07 -7.07
CA ASP B 446 -7.00 -29.91 -7.69
C ASP B 446 -7.81 -29.09 -6.69
N ASN B 447 -7.76 -29.42 -5.40
CA ASN B 447 -8.25 -28.52 -4.37
C ASN B 447 -7.24 -27.45 -4.03
N GLU B 448 -6.06 -27.52 -4.64
CA GLU B 448 -5.06 -26.47 -4.61
C GLU B 448 -5.14 -25.74 -5.95
N TYR B 449 -5.32 -24.43 -5.90
CA TYR B 449 -5.44 -23.69 -7.15
C TYR B 449 -5.13 -22.23 -6.93
N LEU B 450 -4.70 -21.58 -7.99
CA LEU B 450 -4.69 -20.13 -8.06
C LEU B 450 -6.03 -19.65 -8.60
N ARG B 451 -6.57 -18.59 -8.02
CA ARG B 451 -7.79 -18.03 -8.59
C ARG B 451 -7.53 -16.58 -8.94
N LEU B 452 -7.44 -16.26 -10.23
CA LEU B 452 -7.21 -14.86 -10.60
C LEU B 452 -8.30 -14.37 -11.55
N GLY B 453 -8.72 -13.13 -11.40
CA GLY B 453 -9.71 -12.59 -12.32
C GLY B 453 -9.96 -11.10 -12.16
N TYR B 454 -11.12 -10.66 -12.66
CA TYR B 454 -11.57 -9.27 -12.57
C TYR B 454 -12.93 -9.20 -11.92
N GLU B 455 -13.22 -8.09 -11.27
CA GLU B 455 -14.58 -7.87 -10.80
C GLU B 455 -14.97 -6.42 -11.00
N THR B 456 -16.22 -6.24 -11.42
CA THR B 456 -16.69 -4.96 -11.94
C THR B 456 -16.99 -3.98 -10.80
N ASN B 457 -17.59 -4.44 -9.71
CA ASN B 457 -17.93 -3.54 -8.61
C ASN B 457 -16.71 -3.05 -7.87
N GLY B 458 -15.65 -3.86 -7.84
CA GLY B 458 -14.39 -3.40 -7.33
C GLY B 458 -13.46 -2.85 -8.37
N GLY B 459 -13.88 -2.89 -9.64
CA GLY B 459 -13.06 -2.38 -10.75
C GLY B 459 -11.62 -2.80 -10.67
N ALA B 460 -11.35 -4.08 -10.39
CA ALA B 460 -9.95 -4.41 -10.21
C ALA B 460 -9.74 -5.90 -10.36
N PHE B 461 -8.46 -6.24 -10.52
CA PHE B 461 -8.02 -7.60 -10.75
C PHE B 461 -7.56 -8.20 -9.43
N PHE B 462 -7.91 -9.46 -9.19
CA PHE B 462 -7.57 -10.13 -7.94
C PHE B 462 -6.83 -11.43 -8.18
N LEU B 463 -6.07 -11.84 -7.17
CA LEU B 463 -5.39 -13.12 -7.12
C LEU B 463 -5.62 -13.70 -5.73
N ASP B 464 -6.08 -14.94 -5.68
CA ASP B 464 -6.24 -15.68 -4.43
C ASP B 464 -5.23 -16.80 -4.47
N ARG B 465 -4.32 -16.79 -3.48
CA ARG B 465 -3.22 -17.75 -3.37
C ARG B 465 -3.28 -18.50 -2.04
N GLY B 466 -4.41 -18.44 -1.35
CA GLY B 466 -4.55 -19.22 -0.14
C GLY B 466 -4.90 -20.68 -0.35
N HIS B 467 -5.49 -21.02 -1.48
CA HIS B 467 -6.07 -22.36 -1.61
C HIS B 467 -4.97 -23.40 -1.87
N THR B 468 -4.40 -23.91 -0.77
CA THR B 468 -3.42 -24.98 -0.85
C THR B 468 -3.36 -25.69 0.49
N LYS B 469 -2.78 -26.89 0.47
CA LYS B 469 -2.65 -27.71 1.66
C LYS B 469 -1.39 -27.39 2.45
N ILE B 470 -0.45 -26.63 1.87
CA ILE B 470 0.83 -26.31 2.49
C ILE B 470 0.60 -25.51 3.76
N PRO B 471 0.95 -26.06 4.93
CA PRO B 471 0.60 -25.36 6.19
C PRO B 471 1.12 -23.93 6.23
N PHE B 472 2.32 -23.68 5.70
CA PHE B 472 2.90 -22.35 5.79
C PHE B 472 1.92 -21.27 5.35
N VAL B 473 1.15 -21.56 4.30
CA VAL B 473 0.27 -20.57 3.71
C VAL B 473 -0.90 -20.23 4.65
N LYS B 474 -1.29 -21.15 5.53
CA LYS B 474 -2.30 -20.86 6.54
C LYS B 474 -1.70 -20.32 7.83
N GLU B 475 -0.49 -20.75 8.17
CA GLU B 475 0.08 -20.46 9.49
C GLU B 475 0.70 -19.07 9.57
N ASN B 476 1.28 -18.56 8.50
CA ASN B 476 2.00 -17.29 8.53
C ASN B 476 1.06 -16.18 8.08
N LEU B 477 0.60 -15.38 9.03
CA LEU B 477 -0.48 -14.43 8.77
C LEU B 477 -0.02 -13.20 8.00
N PHE B 478 1.24 -13.14 7.57
CA PHE B 478 1.68 -12.03 6.74
C PHE B 478 1.65 -12.39 5.26
N PHE B 479 1.45 -13.66 4.97
CA PHE B 479 1.33 -14.20 3.62
C PHE B 479 -0.10 -14.01 3.13
N ASN B 480 -0.41 -12.79 2.69
CA ASN B 480 -1.76 -12.46 2.26
C ASN B 480 -2.32 -13.49 1.30
N HIS B 481 -3.59 -13.80 1.48
CA HIS B 481 -4.27 -14.69 0.57
C HIS B 481 -4.81 -13.94 -0.63
N GLN B 482 -5.22 -12.69 -0.46
CA GLN B 482 -5.91 -11.96 -1.52
C GLN B 482 -5.10 -10.72 -1.89
N LEU B 483 -4.72 -10.64 -3.16
CA LEU B 483 -3.97 -9.52 -3.69
C LEU B 483 -4.78 -8.86 -4.80
N ALA B 484 -4.62 -7.55 -4.94
CA ALA B 484 -5.45 -6.79 -5.85
C ALA B 484 -4.57 -5.82 -6.63
N VAL B 485 -5.07 -5.43 -7.80
CA VAL B 485 -4.41 -4.39 -8.57
C VAL B 485 -5.45 -3.71 -9.44
N THR B 486 -5.43 -2.38 -9.43
CA THR B 486 -6.36 -1.54 -10.16
C THR B 486 -5.85 -1.42 -11.59
N ASN B 487 -6.11 -2.47 -12.39
CA ASN B 487 -5.54 -2.57 -13.74
C ASN B 487 -6.35 -1.76 -14.74
N PRO B 488 -5.72 -0.98 -15.59
CA PRO B 488 -6.46 -0.13 -16.52
C PRO B 488 -6.89 -0.87 -17.78
N VAL B 489 -7.82 -0.24 -18.50
CA VAL B 489 -8.08 -0.63 -19.86
C VAL B 489 -6.91 -0.19 -20.73
N SER B 490 -6.87 -0.75 -21.94
CA SER B 490 -5.84 -0.38 -22.90
C SER B 490 -6.38 0.49 -24.01
N ASN B 491 -7.70 0.66 -24.07
CA ASN B 491 -8.35 1.59 -24.98
C ASN B 491 -9.67 1.96 -24.32
N TYR B 492 -9.93 3.28 -24.19
CA TYR B 492 -11.04 3.78 -23.38
C TYR B 492 -12.36 3.91 -24.15
N THR B 493 -12.40 3.48 -25.41
CA THR B 493 -13.63 3.39 -26.17
C THR B 493 -14.07 1.95 -26.43
N THR B 494 -13.15 0.99 -26.35
CA THR B 494 -13.46 -0.44 -26.43
C THR B 494 -13.58 -1.13 -25.08
N ASN B 495 -12.95 -0.56 -24.02
CA ASN B 495 -12.98 -1.10 -22.66
C ASN B 495 -12.43 -2.53 -22.60
N VAL B 496 -11.32 -2.75 -23.31
CA VAL B 496 -10.65 -4.05 -23.34
C VAL B 496 -9.54 -4.05 -22.31
N PHE B 497 -9.54 -5.04 -21.43
CA PHE B 497 -8.48 -5.25 -20.46
C PHE B 497 -7.49 -6.25 -21.03
N ASP B 498 -6.20 -5.93 -20.92
CA ASP B 498 -5.12 -6.80 -21.36
C ASP B 498 -4.31 -7.24 -20.15
N VAL B 499 -4.03 -8.54 -20.07
CA VAL B 499 -3.30 -9.13 -18.96
C VAL B 499 -2.39 -10.22 -19.48
N TYR B 500 -1.10 -10.10 -19.20
CA TYR B 500 -0.11 -11.11 -19.54
C TYR B 500 0.40 -11.73 -18.25
N GLY B 501 0.31 -13.04 -18.14
CA GLY B 501 0.74 -13.74 -16.95
C GLY B 501 1.90 -14.66 -17.27
N VAL B 502 2.77 -14.83 -16.28
CA VAL B 502 3.76 -15.89 -16.28
C VAL B 502 3.62 -16.62 -14.95
N ILE B 503 3.49 -17.95 -15.01
CA ILE B 503 3.35 -18.77 -13.82
C ILE B 503 4.43 -19.82 -13.90
N ASP B 504 5.54 -19.59 -13.22
CA ASP B 504 6.52 -20.63 -13.01
C ASP B 504 6.11 -21.31 -11.72
N LYS B 505 6.44 -22.58 -11.56
CA LYS B 505 6.18 -23.25 -10.28
C LYS B 505 6.50 -22.29 -9.14
N ASN B 506 5.56 -22.17 -8.21
CA ASN B 506 5.59 -21.36 -6.98
C ASN B 506 5.83 -19.86 -7.15
N ILE B 507 5.72 -19.27 -8.36
CA ILE B 507 5.77 -17.81 -8.49
C ILE B 507 4.98 -17.35 -9.71
N ILE B 508 4.13 -16.32 -9.54
CA ILE B 508 3.30 -15.78 -10.63
C ILE B 508 3.52 -14.28 -10.76
N GLU B 509 3.76 -13.83 -11.99
CA GLU B 509 3.87 -12.42 -12.32
C GLU B 509 2.75 -12.04 -13.28
N LEU B 510 2.24 -10.83 -13.13
CA LEU B 510 1.18 -10.35 -13.99
C LEU B 510 1.52 -8.96 -14.49
N TYR B 511 1.32 -8.74 -15.79
CA TYR B 511 1.56 -7.46 -16.46
C TYR B 511 0.24 -7.00 -17.06
N PHE B 512 -0.12 -5.75 -16.82
CA PHE B 512 -1.39 -5.18 -17.23
C PHE B 512 -1.13 -3.97 -18.11
N ASP B 513 -2.00 -3.79 -19.11
CA ASP B 513 -1.91 -2.69 -20.07
C ASP B 513 -0.52 -2.63 -20.71
N ASN B 514 -0.09 -3.79 -21.22
CA ASN B 514 1.21 -3.97 -21.86
C ASN B 514 2.34 -3.55 -20.92
N GLY B 515 2.18 -3.85 -19.66
CA GLY B 515 3.25 -3.67 -18.71
C GLY B 515 3.31 -2.31 -18.08
N ASN B 516 2.23 -1.54 -18.15
CA ASN B 516 2.19 -0.34 -17.33
C ASN B 516 2.03 -0.70 -15.85
N VAL B 517 1.42 -1.84 -15.52
CA VAL B 517 1.24 -2.23 -14.13
C VAL B 517 1.68 -3.68 -13.97
N VAL B 518 2.46 -3.97 -12.92
CA VAL B 518 2.99 -5.32 -12.70
C VAL B 518 2.75 -5.74 -11.25
N SER B 519 2.31 -6.99 -11.06
CA SER B 519 2.15 -7.54 -9.72
C SER B 519 2.74 -8.94 -9.65
N THR B 520 3.68 -9.12 -8.73
CA THR B 520 4.47 -10.34 -8.58
C THR B 520 4.19 -10.97 -7.21
N ASN B 521 3.99 -12.29 -7.19
CA ASN B 521 3.62 -12.96 -5.94
C ASN B 521 4.10 -14.41 -5.95
N THR B 522 4.37 -14.95 -4.76
CA THR B 522 4.72 -16.36 -4.66
C THR B 522 3.49 -17.14 -4.22
N PHE B 523 3.43 -18.40 -4.61
CA PHE B 523 2.37 -19.27 -4.16
C PHE B 523 3.04 -20.61 -3.94
N PHE B 524 2.39 -21.49 -3.19
CA PHE B 524 3.01 -22.78 -2.86
C PHE B 524 1.99 -23.89 -2.89
N PHE B 525 2.05 -24.72 -3.93
CA PHE B 525 1.30 -25.97 -3.99
C PHE B 525 2.08 -27.09 -3.29
N SER B 526 1.41 -28.23 -3.07
CA SER B 526 2.06 -29.38 -2.49
C SER B 526 3.21 -29.86 -3.39
N THR B 527 4.05 -30.72 -2.83
CA THR B 527 5.16 -31.24 -3.60
C THR B 527 4.63 -32.04 -4.78
N ASN B 528 5.17 -31.74 -5.96
CA ASN B 528 4.72 -32.40 -7.17
C ASN B 528 3.19 -32.28 -7.31
N ASN B 529 2.79 -31.06 -7.64
CA ASN B 529 1.38 -30.68 -7.89
C ASN B 529 1.43 -29.40 -8.70
N VAL B 530 1.82 -29.48 -9.97
CA VAL B 530 1.92 -28.25 -10.79
C VAL B 530 0.59 -27.96 -11.47
N ILE B 531 0.46 -26.79 -12.07
CA ILE B 531 -0.84 -26.41 -12.66
C ILE B 531 -1.21 -27.37 -13.77
N GLY B 532 -2.43 -27.90 -13.72
CA GLY B 532 -2.94 -28.89 -14.69
C GLY B 532 -4.10 -28.41 -15.51
N GLU B 533 -5.07 -27.73 -14.89
CA GLU B 533 -6.22 -27.23 -15.65
C GLU B 533 -6.53 -25.78 -15.32
N ILE B 534 -7.07 -25.05 -16.28
CA ILE B 534 -7.54 -23.66 -16.05
C ILE B 534 -9.02 -23.64 -16.39
N ASP B 535 -9.89 -23.35 -15.45
CA ASP B 535 -11.34 -23.37 -15.75
C ASP B 535 -11.83 -21.92 -15.72
N ILE B 536 -12.59 -21.47 -16.71
CA ILE B 536 -13.03 -20.06 -16.70
C ILE B 536 -14.45 -19.99 -16.15
N LYS B 537 -14.72 -19.17 -15.16
CA LYS B 537 -16.09 -19.19 -14.60
C LYS B 537 -16.60 -17.77 -14.32
N SER B 538 -17.91 -17.60 -14.27
CA SER B 538 -18.54 -16.31 -13.92
C SER B 538 -19.94 -16.61 -13.39
N PRO B 539 -20.44 -16.01 -12.30
CA PRO B 539 -21.78 -16.29 -11.83
C PRO B 539 -22.91 -15.64 -12.64
N TYR B 540 -22.56 -14.70 -13.52
CA TYR B 540 -23.54 -14.01 -14.37
C TYR B 540 -23.19 -14.38 -15.81
N ASP B 541 -24.08 -15.08 -16.49
CA ASP B 541 -23.77 -15.57 -17.86
C ASP B 541 -23.94 -14.42 -18.86
N LYS B 542 -22.99 -14.31 -19.76
CA LYS B 542 -22.88 -13.33 -20.88
C LYS B 542 -22.41 -11.98 -20.33
N ALA B 543 -22.14 -11.90 -19.04
CA ALA B 543 -21.65 -10.65 -18.48
C ALA B 543 -20.28 -10.30 -19.03
N TYR B 544 -19.38 -11.28 -19.12
CA TYR B 544 -18.03 -11.05 -19.61
C TYR B 544 -17.82 -11.73 -20.95
N THR B 545 -16.88 -11.20 -21.73
CA THR B 545 -16.52 -11.75 -23.02
C THR B 545 -15.01 -11.79 -23.15
N ILE B 546 -14.45 -12.99 -23.22
CA ILE B 546 -13.02 -13.19 -23.37
C ILE B 546 -12.71 -13.17 -24.87
N ASN B 547 -12.13 -12.07 -25.35
CA ASN B 547 -11.80 -11.98 -26.76
C ASN B 547 -10.66 -12.92 -27.13
N SER B 548 -9.66 -13.04 -26.26
CA SER B 548 -8.50 -13.88 -26.55
C SER B 548 -8.03 -14.52 -25.25
N PHE B 549 -7.34 -15.66 -25.41
CA PHE B 549 -6.75 -16.39 -24.27
C PHE B 549 -5.74 -17.37 -24.86
N ASN B 550 -4.48 -16.92 -25.00
CA ASN B 550 -3.36 -17.70 -25.53
C ASN B 550 -2.54 -18.24 -24.36
N VAL B 551 -2.71 -19.55 -23.98
CA VAL B 551 -1.83 -20.17 -22.98
C VAL B 551 -0.70 -20.87 -23.73
N THR B 552 0.49 -20.92 -23.14
CA THR B 552 1.61 -21.63 -23.76
C THR B 552 2.41 -22.26 -22.62
N GLN B 553 2.26 -23.56 -22.44
CA GLN B 553 3.08 -24.27 -21.48
C GLN B 553 4.52 -24.40 -21.99
N PHE B 554 5.47 -24.16 -21.09
CA PHE B 554 6.89 -24.31 -21.36
C PHE B 554 7.32 -25.72 -20.99
N ASN B 555 7.86 -26.45 -21.95
CA ASN B 555 8.40 -27.79 -21.70
C ASN B 555 9.90 -27.62 -21.60
N VAL B 556 10.35 -27.31 -20.39
CA VAL B 556 11.72 -26.94 -20.15
C VAL B 556 12.28 -27.98 -19.22
C1 NAG C . -5.27 22.27 -13.02
C2 NAG C . -6.09 22.62 -14.28
C3 NAG C . -6.34 21.37 -15.11
C4 NAG C . -5.03 20.65 -15.42
C5 NAG C . -4.32 20.35 -14.10
C6 NAG C . -2.99 19.68 -14.28
C7 NAG C . -7.49 24.57 -13.74
C8 NAG C . -8.88 25.05 -13.42
N2 NAG C . -7.35 23.26 -13.95
O3 NAG C . -7.06 21.69 -16.30
O4 NAG C . -5.29 19.40 -16.03
O5 NAG C . -4.08 21.58 -13.39
O6 NAG C . -2.22 20.33 -15.29
O7 NAG C . -6.52 25.34 -13.76
C1 NAG C . -5.47 19.35 -17.44
C2 NAG C . -4.89 17.96 -17.78
C3 NAG C . -5.10 17.62 -19.27
C4 NAG C . -6.57 17.72 -19.61
C5 NAG C . -7.04 19.15 -19.33
C6 NAG C . -8.52 19.35 -19.60
C7 NAG C . -2.92 16.96 -16.71
C8 NAG C . -1.45 17.09 -16.43
N2 NAG C . -3.47 17.93 -17.45
O3 NAG C . -4.65 16.29 -19.49
O4 NAG C . -6.77 17.34 -20.97
O5 NAG C . -6.83 19.45 -17.94
O6 NAG C . -9.12 20.25 -18.67
O7 NAG C . -3.58 16.01 -16.27
C1 NAG D . 21.59 13.31 4.86
C2 NAG D . 22.65 13.34 5.98
C3 NAG D . 22.09 12.75 7.26
C4 NAG D . 20.75 13.39 7.63
C5 NAG D . 19.83 13.31 6.42
C6 NAG D . 18.45 13.92 6.61
C7 NAG D . 24.96 13.25 5.12
C8 NAG D . 26.14 12.38 4.83
N2 NAG D . 23.88 12.63 5.62
O3 NAG D . 23.04 12.90 8.30
O4 NAG D . 20.13 12.67 8.70
O5 NAG D . 20.44 13.96 5.29
O6 NAG D . 18.48 15.34 6.68
O7 NAG D . 24.97 14.47 4.88
C1 NAG D . 20.35 13.00 10.10
C2 NAG D . 18.99 12.94 10.80
C3 NAG D . 19.13 13.16 12.32
C4 NAG D . 20.13 12.19 12.91
C5 NAG D . 21.46 12.40 12.20
C6 NAG D . 22.56 11.49 12.69
C7 NAG D . 16.87 13.59 9.74
C8 NAG D . 16.07 14.70 9.15
N2 NAG D . 18.08 13.92 10.22
O3 NAG D . 17.85 12.99 12.92
O4 NAG D . 20.25 12.27 14.34
O5 NAG D . 21.31 12.15 10.79
O6 NAG D . 23.82 11.93 12.22
O7 NAG D . 16.44 12.46 9.80
MG MG E . 21.14 -7.60 3.23
#